data_2ZJ5
#
_entry.id   2ZJ5
#
_cell.length_a   117.205
_cell.length_b   83.535
_cell.length_c   96.038
_cell.angle_alpha   90.00
_cell.angle_beta   121.22
_cell.angle_gamma   90.00
#
_symmetry.space_group_name_H-M   'C 1 2 1'
#
loop_
_entity.id
_entity.type
_entity.pdbx_description
1 polymer 'Putative ski2-type helicase'
2 non-polymer 'SULFATE ION'
3 non-polymer "ADENOSINE-5'-DIPHOSPHATE"
4 water water
#
_entity_poly.entity_id   1
_entity_poly.type   'polypeptide(L)'
_entity_poly.pdbx_seq_one_letter_code
;MRVDELRVDERIKSTLKERGIESFYPPQAEALKSGILEGKNALISIPTASGKTLIAEIAMVHRILTQGGKAVYIVPLKAL
AEEKFQEFQDWEKIGLRVAMATGDYDSKDEWLGKYDIIIATAEKFDSLLRHGSSWIKDVKILVADEIHLIGSRDRGATLE
VILAHMLGKAQIIGLSATIGNPEELAEWLNAELIVSDWRPVKLRRGVFYQGFVTWEDGSIDRFSSWEELVYDAIRKKKGA
LIFVNMRRKAERVALELSKKVKSLLTKPEIRALNELADSLEENPTNEKLAKAIRGGVAFHHAGLGRDERVLVEENFRKGI
IKAVVATPTLSAGINTPAFRVIIRDIWRYSDFGMERIPIIEVHQMLGRAGRPKYDEVGEGIIVSTSDDPREVMNHYIFGK
PEKLFSQLSNESNLRSQVLALIATFGYSTVEEILKFISNTFYAYQRKDTYSLEEKIRNILYFLLENEFIEISLEDKIRPL
SLGIRTAKLYIDPYTAKMFKDKMEEVVKDPNPIGIFHLISLTPDITPFNYSKREFERLEEEYYEFKDRLYFDDPYISGYD
PYLERKFFRAFKTALVLLAWINEVPEGEIVEKYSVEPGDIYRIVETAEWLVYSLKEIAKVLGAYEIVDYLETLRVRVKYG
IREELIPLMQLPLVGRRRARALYNSGFRSIEDISQARPEELLKIEGIGVKTVEAIFKFLGKNVKISEKPRKSTLDYFLKS
;
_entity_poly.pdbx_strand_id   A
#
loop_
_chem_comp.id
_chem_comp.type
_chem_comp.name
_chem_comp.formula
ADP non-polymer ADENOSINE-5'-DIPHOSPHATE 'C10 H15 N5 O10 P2'
SO4 non-polymer 'SULFATE ION' 'O4 S -2'
#
# COMPACT_ATOMS: atom_id res chain seq x y z
N MET A 1 -29.43 11.34 12.59
CA MET A 1 -29.08 12.70 13.10
C MET A 1 -28.85 13.71 11.97
N ARG A 2 -29.26 14.97 12.21
CA ARG A 2 -29.12 16.02 11.20
C ARG A 2 -27.79 16.77 11.28
N VAL A 3 -27.19 17.06 10.12
CA VAL A 3 -25.90 17.76 10.15
C VAL A 3 -25.95 19.00 11.06
N ASP A 4 -27.04 19.76 11.02
CA ASP A 4 -27.14 20.95 11.87
C ASP A 4 -27.36 20.60 13.33
N GLU A 5 -27.86 19.39 13.62
CA GLU A 5 -28.08 19.02 15.02
C GLU A 5 -26.78 18.70 15.74
N LEU A 6 -25.68 18.67 15.00
CA LEU A 6 -24.39 18.38 15.60
C LEU A 6 -23.83 19.65 16.25
N ARG A 7 -23.11 19.48 17.36
CA ARG A 7 -22.53 20.61 18.06
C ARG A 7 -21.10 20.89 17.59
N VAL A 8 -20.96 21.36 16.36
CA VAL A 8 -19.63 21.69 15.81
C VAL A 8 -19.64 22.91 14.89
N ASP A 9 -18.50 23.58 14.84
CA ASP A 9 -18.32 24.77 14.04
C ASP A 9 -19.06 24.72 12.71
N GLU A 10 -19.75 25.81 12.41
CA GLU A 10 -20.51 25.97 11.17
C GLU A 10 -19.67 25.63 9.95
N ARG A 11 -18.36 25.85 10.06
CA ARG A 11 -17.46 25.55 8.95
C ARG A 11 -17.38 24.05 8.65
N ILE A 12 -17.87 23.24 9.58
CA ILE A 12 -17.88 21.79 9.35
C ILE A 12 -19.20 21.50 8.64
N LYS A 13 -20.28 22.01 9.22
CA LYS A 13 -21.63 21.83 8.68
C LYS A 13 -21.76 22.34 7.26
N SER A 14 -21.10 23.47 6.97
CA SER A 14 -21.15 24.04 5.64
C SER A 14 -20.51 23.09 4.66
N THR A 15 -19.32 22.62 5.02
CA THR A 15 -18.59 21.68 4.18
C THR A 15 -19.45 20.44 3.94
N LEU A 16 -20.02 19.90 5.00
CA LEU A 16 -20.87 18.72 4.86
C LEU A 16 -22.01 18.94 3.87
N LYS A 17 -22.83 19.96 4.13
CA LYS A 17 -23.98 20.27 3.29
C LYS A 17 -23.60 20.39 1.83
N GLU A 18 -22.45 21.01 1.57
CA GLU A 18 -21.94 21.18 0.21
C GLU A 18 -21.64 19.81 -0.41
N ARG A 19 -21.38 18.82 0.44
CA ARG A 19 -21.07 17.46 0.02
C ARG A 19 -22.31 16.62 -0.27
N GLY A 20 -23.48 17.20 -0.01
CA GLY A 20 -24.73 16.49 -0.25
C GLY A 20 -25.24 15.89 1.04
N ILE A 21 -24.37 15.84 2.02
CA ILE A 21 -24.69 15.26 3.33
C ILE A 21 -25.63 16.14 4.12
N GLU A 22 -26.80 15.62 4.48
CA GLU A 22 -27.76 16.38 5.27
C GLU A 22 -28.01 15.68 6.59
N SER A 23 -27.84 14.37 6.62
CA SER A 23 -28.06 13.63 7.86
C SER A 23 -27.10 12.45 8.10
N PHE A 24 -26.74 12.27 9.37
CA PHE A 24 -25.84 11.21 9.82
C PHE A 24 -26.50 9.83 9.98
N TYR A 25 -25.77 8.79 9.58
CA TYR A 25 -26.26 7.42 9.73
C TYR A 25 -26.31 7.10 11.22
N PRO A 26 -27.19 6.19 11.63
CA PRO A 26 -27.27 5.83 13.06
C PRO A 26 -25.91 5.50 13.68
N PRO A 27 -25.07 4.71 12.98
CA PRO A 27 -23.75 4.37 13.53
C PRO A 27 -22.89 5.62 13.74
N GLN A 28 -22.93 6.52 12.75
CA GLN A 28 -22.17 7.77 12.79
C GLN A 28 -22.61 8.62 13.97
N ALA A 29 -23.93 8.65 14.21
CA ALA A 29 -24.47 9.41 15.33
C ALA A 29 -23.96 8.88 16.66
N GLU A 30 -23.94 7.55 16.81
CA GLU A 30 -23.46 6.93 18.03
C GLU A 30 -22.01 7.31 18.30
N ALA A 31 -21.18 7.24 17.26
CA ALA A 31 -19.77 7.58 17.36
C ALA A 31 -19.56 9.05 17.71
N LEU A 32 -20.36 9.93 17.11
CA LEU A 32 -20.26 11.36 17.37
C LEU A 32 -20.79 11.81 18.74
N LYS A 33 -21.40 10.89 19.48
CA LYS A 33 -21.94 11.21 20.80
C LYS A 33 -21.23 10.41 21.88
N SER A 34 -20.21 9.66 21.48
CA SER A 34 -19.46 8.81 22.42
C SER A 34 -18.39 9.50 23.25
N GLY A 35 -17.93 10.67 22.80
CA GLY A 35 -16.91 11.38 23.54
C GLY A 35 -15.72 11.74 22.68
N ILE A 36 -15.77 11.42 21.40
CA ILE A 36 -14.67 11.75 20.50
C ILE A 36 -14.57 13.25 20.29
N LEU A 37 -15.70 13.94 20.34
CA LEU A 37 -15.70 15.39 20.15
C LEU A 37 -15.07 16.06 21.35
N GLU A 38 -15.04 15.34 22.47
CA GLU A 38 -14.45 15.83 23.70
C GLU A 38 -13.08 15.21 23.94
N GLY A 39 -12.41 14.83 22.85
CA GLY A 39 -11.07 14.27 22.97
C GLY A 39 -10.86 12.80 23.25
N LYS A 40 -11.88 12.08 23.72
CA LYS A 40 -11.74 10.65 24.00
C LYS A 40 -11.36 9.75 22.81
N ASN A 41 -10.59 8.69 23.08
CA ASN A 41 -10.20 7.73 22.04
C ASN A 41 -11.40 6.84 21.71
N ALA A 42 -11.39 6.29 20.50
CA ALA A 42 -12.48 5.43 20.10
C ALA A 42 -12.05 4.42 19.04
N LEU A 43 -12.71 3.28 19.06
CA LEU A 43 -12.49 2.23 18.09
C LEU A 43 -13.84 2.12 17.41
N ILE A 44 -13.88 2.42 16.12
CA ILE A 44 -15.12 2.39 15.37
C ILE A 44 -15.18 1.21 14.40
N SER A 45 -15.99 0.22 14.78
CA SER A 45 -16.17 -0.98 13.98
C SER A 45 -17.59 -1.03 13.40
N ILE A 46 -17.72 -0.53 12.17
CA ILE A 46 -18.99 -0.50 11.47
C ILE A 46 -18.70 -0.69 9.98
N PRO A 47 -19.73 -0.97 9.17
CA PRO A 47 -19.54 -1.19 7.73
C PRO A 47 -18.90 0.02 7.05
N THR A 48 -18.04 -0.23 6.06
CA THR A 48 -17.43 0.88 5.35
C THR A 48 -18.53 1.69 4.65
N ALA A 49 -19.59 1.01 4.23
CA ALA A 49 -20.71 1.66 3.56
C ALA A 49 -21.37 2.67 4.49
N SER A 50 -21.05 2.58 5.78
CA SER A 50 -21.62 3.48 6.78
C SER A 50 -20.76 4.70 7.18
N GLY A 51 -19.97 5.22 6.26
CA GLY A 51 -19.14 6.40 6.51
C GLY A 51 -18.23 6.50 7.73
N LYS A 52 -17.24 5.60 7.81
CA LYS A 52 -16.29 5.62 8.91
C LYS A 52 -15.38 6.85 8.82
N THR A 53 -14.84 7.12 7.63
CA THR A 53 -13.96 8.27 7.44
C THR A 53 -14.63 9.57 7.84
N LEU A 54 -15.88 9.76 7.41
CA LEU A 54 -16.60 10.99 7.71
C LEU A 54 -16.53 11.30 9.20
N ILE A 55 -16.72 10.28 10.03
CA ILE A 55 -16.67 10.47 11.47
C ILE A 55 -15.29 10.93 11.93
N ALA A 56 -14.24 10.44 11.25
CA ALA A 56 -12.88 10.80 11.58
C ALA A 56 -12.57 12.22 11.12
N GLU A 57 -13.08 12.60 9.95
CA GLU A 57 -12.87 13.93 9.41
C GLU A 57 -13.47 14.96 10.37
N ILE A 58 -14.69 14.72 10.79
CA ILE A 58 -15.39 15.60 11.70
C ILE A 58 -14.67 15.72 13.04
N ALA A 59 -14.16 14.59 13.53
CA ALA A 59 -13.43 14.61 14.79
C ALA A 59 -12.08 15.31 14.64
N MET A 60 -11.45 15.18 13.46
CA MET A 60 -10.17 15.82 13.21
C MET A 60 -10.33 17.33 13.09
N VAL A 61 -11.25 17.75 12.22
CA VAL A 61 -11.50 19.15 11.99
C VAL A 61 -11.98 19.88 13.23
N HIS A 62 -12.78 19.19 14.04
CA HIS A 62 -13.30 19.79 15.27
C HIS A 62 -12.15 19.94 16.28
N ARG A 63 -11.23 18.98 16.27
CA ARG A 63 -10.07 19.03 17.18
C ARG A 63 -9.20 20.24 16.84
N ILE A 64 -8.99 20.44 15.54
CA ILE A 64 -8.17 21.52 15.02
C ILE A 64 -8.77 22.91 15.22
N LEU A 65 -10.03 23.09 14.83
CA LEU A 65 -10.69 24.38 14.98
C LEU A 65 -10.85 24.82 16.43
N THR A 66 -11.26 23.88 17.26
CA THR A 66 -11.50 24.13 18.67
C THR A 66 -10.27 24.24 19.57
N GLN A 67 -9.15 23.69 19.15
CA GLN A 67 -7.97 23.75 20.01
C GLN A 67 -6.64 23.84 19.27
N GLY A 68 -6.69 23.99 17.96
CA GLY A 68 -5.47 24.07 17.20
C GLY A 68 -4.70 22.77 17.27
N GLY A 69 -3.52 22.75 16.66
CA GLY A 69 -2.72 21.56 16.66
C GLY A 69 -2.87 20.86 15.33
N LYS A 70 -2.31 19.67 15.23
CA LYS A 70 -2.37 18.91 14.00
C LYS A 70 -3.09 17.57 14.12
N ALA A 71 -3.56 17.09 12.98
CA ALA A 71 -4.27 15.82 12.90
C ALA A 71 -3.56 14.90 11.91
N VAL A 72 -3.24 13.69 12.36
CA VAL A 72 -2.59 12.71 11.53
C VAL A 72 -3.57 11.60 11.12
N TYR A 73 -3.59 11.30 9.83
CA TYR A 73 -4.47 10.27 9.30
C TYR A 73 -3.58 9.18 8.67
N ILE A 74 -3.44 8.06 9.37
CA ILE A 74 -2.61 6.95 8.87
C ILE A 74 -3.37 6.07 7.91
N VAL A 75 -2.79 5.85 6.74
CA VAL A 75 -3.39 5.05 5.70
C VAL A 75 -2.52 3.80 5.52
N PRO A 76 -3.13 2.66 5.12
CA PRO A 76 -2.47 1.37 4.90
C PRO A 76 -1.47 1.29 3.76
N LEU A 77 -1.77 1.97 2.65
CA LEU A 77 -0.93 1.93 1.46
C LEU A 77 -0.74 3.28 0.81
N LYS A 78 0.38 3.44 0.12
CA LYS A 78 0.66 4.69 -0.58
C LYS A 78 -0.54 5.19 -1.39
N ALA A 79 -1.06 4.35 -2.29
CA ALA A 79 -2.17 4.74 -3.16
C ALA A 79 -3.46 5.14 -2.45
N LEU A 80 -3.67 4.65 -1.25
CA LEU A 80 -4.88 4.99 -0.52
C LEU A 80 -4.74 6.39 0.11
N ALA A 81 -3.50 6.89 0.13
CA ALA A 81 -3.20 8.18 0.70
C ALA A 81 -3.58 9.25 -0.31
N GLU A 82 -3.58 8.88 -1.58
CA GLU A 82 -3.95 9.79 -2.64
C GLU A 82 -5.47 9.91 -2.75
N GLU A 83 -6.19 8.88 -2.31
CA GLU A 83 -7.65 8.92 -2.38
C GLU A 83 -8.13 9.78 -1.22
N LYS A 84 -7.48 9.59 -0.08
CA LYS A 84 -7.81 10.33 1.12
C LYS A 84 -7.37 11.78 0.96
N PHE A 85 -6.31 12.01 0.19
CA PHE A 85 -5.80 13.34 -0.05
C PHE A 85 -6.80 14.17 -0.84
N GLN A 86 -7.45 13.55 -1.83
CA GLN A 86 -8.42 14.26 -2.65
C GLN A 86 -9.68 14.58 -1.87
N GLU A 87 -10.26 13.57 -1.23
CA GLU A 87 -11.50 13.79 -0.50
C GLU A 87 -11.34 14.68 0.74
N PHE A 88 -10.11 15.04 1.07
CA PHE A 88 -9.84 15.91 2.20
C PHE A 88 -9.64 17.35 1.72
N GLN A 89 -9.51 17.51 0.40
CA GLN A 89 -9.31 18.81 -0.25
C GLN A 89 -10.26 19.92 0.17
N ASP A 90 -11.56 19.66 0.08
CA ASP A 90 -12.56 20.65 0.40
C ASP A 90 -12.49 21.17 1.84
N TRP A 91 -11.46 20.75 2.56
CA TRP A 91 -11.28 21.25 3.91
C TRP A 91 -10.45 22.52 3.81
N GLU A 92 -9.74 22.66 2.70
CA GLU A 92 -8.92 23.83 2.46
C GLU A 92 -9.84 25.00 2.17
N LYS A 93 -11.12 24.69 1.96
CA LYS A 93 -12.12 25.71 1.68
C LYS A 93 -12.41 26.52 2.92
N ILE A 94 -12.03 26.00 4.09
CA ILE A 94 -12.23 26.72 5.34
C ILE A 94 -10.89 27.02 6.00
N GLY A 95 -9.84 27.02 5.19
CA GLY A 95 -8.51 27.34 5.72
C GLY A 95 -7.56 26.24 6.12
N LEU A 96 -8.01 24.99 6.21
CA LEU A 96 -7.12 23.90 6.62
C LEU A 96 -6.20 23.40 5.49
N ARG A 97 -4.89 23.41 5.73
CA ARG A 97 -3.94 22.93 4.74
C ARG A 97 -3.79 21.40 4.88
N VAL A 98 -3.88 20.69 3.77
CA VAL A 98 -3.76 19.25 3.81
C VAL A 98 -2.50 18.74 3.11
N ALA A 99 -1.70 17.97 3.81
CA ALA A 99 -0.50 17.42 3.21
C ALA A 99 -0.54 15.90 3.11
N MET A 100 0.24 15.38 2.19
CA MET A 100 0.36 13.94 1.94
C MET A 100 1.85 13.59 1.96
N ALA A 101 2.24 12.71 2.87
CA ALA A 101 3.64 12.25 3.01
C ALA A 101 3.63 10.71 3.05
N THR A 102 4.32 10.07 2.11
CA THR A 102 4.30 8.60 2.05
C THR A 102 5.62 7.89 1.73
N GLY A 103 6.73 8.61 1.81
CA GLY A 103 8.01 8.00 1.51
C GLY A 103 9.18 8.90 1.90
N ASP A 104 10.33 8.72 1.26
CA ASP A 104 11.48 9.55 1.57
C ASP A 104 11.78 9.40 3.06
N TYR A 105 11.95 8.17 3.49
CA TYR A 105 12.20 7.83 4.89
C TYR A 105 13.32 8.53 5.63
N ASP A 106 14.41 8.84 4.95
CA ASP A 106 15.54 9.49 5.62
C ASP A 106 15.46 11.01 5.76
N SER A 107 14.30 11.53 6.17
CA SER A 107 14.16 12.97 6.37
C SER A 107 13.16 13.26 7.47
N LYS A 108 13.23 14.45 8.07
CA LYS A 108 12.28 14.80 9.12
C LYS A 108 11.17 15.70 8.61
N ASP A 109 11.19 15.99 7.31
CA ASP A 109 10.17 16.83 6.67
C ASP A 109 9.63 17.92 7.58
N GLU A 110 10.51 18.80 8.08
CA GLU A 110 10.08 19.88 8.95
C GLU A 110 9.10 20.80 8.22
N TRP A 111 9.08 20.71 6.89
CA TRP A 111 8.18 21.50 6.07
C TRP A 111 6.71 21.12 6.25
N LEU A 112 6.43 20.04 6.99
CA LEU A 112 5.06 19.59 7.24
C LEU A 112 4.46 20.38 8.40
N GLY A 113 5.29 21.16 9.08
CA GLY A 113 4.83 21.96 10.20
C GLY A 113 3.79 23.00 9.81
N LYS A 114 3.77 23.40 8.55
CA LYS A 114 2.80 24.39 8.12
C LYS A 114 1.50 23.80 7.63
N TYR A 115 1.21 22.57 8.04
CA TYR A 115 -0.03 21.90 7.64
C TYR A 115 -0.89 21.50 8.83
N ASP A 116 -2.17 21.27 8.56
CA ASP A 116 -3.10 20.92 9.63
C ASP A 116 -3.44 19.43 9.67
N ILE A 117 -3.60 18.85 8.49
CA ILE A 117 -3.95 17.44 8.36
C ILE A 117 -2.86 16.79 7.50
N ILE A 118 -2.15 15.85 8.10
CA ILE A 118 -1.07 15.16 7.40
C ILE A 118 -1.43 13.69 7.19
N ILE A 119 -1.54 13.28 5.93
CA ILE A 119 -1.87 11.90 5.59
C ILE A 119 -0.58 11.12 5.33
N ALA A 120 -0.40 9.99 6.02
CA ALA A 120 0.79 9.18 5.83
C ALA A 120 0.54 7.71 6.08
N THR A 121 1.48 6.88 5.63
CA THR A 121 1.40 5.45 5.86
C THR A 121 2.06 5.31 7.21
N ALA A 122 1.88 4.15 7.85
CA ALA A 122 2.48 3.91 9.16
C ALA A 122 4.01 3.93 9.11
N GLU A 123 4.61 3.46 8.03
CA GLU A 123 6.07 3.42 7.93
C GLU A 123 6.66 4.82 7.81
N LYS A 124 6.01 5.66 7.03
CA LYS A 124 6.46 7.02 6.85
C LYS A 124 6.36 7.74 8.16
N PHE A 125 5.24 7.56 8.86
CA PHE A 125 5.07 8.24 10.14
C PHE A 125 6.01 7.67 11.18
N ASP A 126 6.33 6.39 11.07
CA ASP A 126 7.21 5.74 12.02
C ASP A 126 8.62 6.30 11.85
N SER A 127 9.00 6.59 10.61
CA SER A 127 10.32 7.13 10.34
C SER A 127 10.42 8.59 10.79
N LEU A 128 9.31 9.32 10.65
CA LEU A 128 9.25 10.72 11.07
C LEU A 128 9.46 10.77 12.58
N LEU A 129 8.82 9.84 13.30
CA LEU A 129 8.97 9.80 14.74
C LEU A 129 10.42 9.51 15.13
N ARG A 130 11.14 8.77 14.28
CA ARG A 130 12.53 8.47 14.57
C ARG A 130 13.43 9.69 14.38
N HIS A 131 13.13 10.51 13.36
CA HIS A 131 13.89 11.72 13.09
C HIS A 131 13.56 12.83 14.08
N GLY A 132 12.46 12.66 14.81
CA GLY A 132 12.07 13.65 15.80
C GLY A 132 11.63 14.99 15.24
N SER A 133 10.78 14.96 14.22
CA SER A 133 10.26 16.18 13.62
C SER A 133 9.62 17.08 14.70
N SER A 134 10.00 18.36 14.71
CA SER A 134 9.51 19.33 15.70
C SER A 134 8.01 19.48 15.80
N TRP A 135 7.30 19.40 14.68
CA TRP A 135 5.85 19.54 14.68
C TRP A 135 5.09 18.36 15.30
N ILE A 136 5.73 17.21 15.37
CA ILE A 136 5.10 16.02 15.93
C ILE A 136 4.48 16.31 17.29
N LYS A 137 5.08 17.21 18.04
CA LYS A 137 4.54 17.54 19.35
C LYS A 137 3.23 18.31 19.26
N ASP A 138 2.85 18.72 18.05
CA ASP A 138 1.61 19.46 17.84
C ASP A 138 0.44 18.60 17.38
N VAL A 139 0.67 17.31 17.17
CA VAL A 139 -0.39 16.40 16.76
C VAL A 139 -1.27 16.09 17.96
N LYS A 140 -2.54 16.49 17.88
CA LYS A 140 -3.47 16.29 19.00
C LYS A 140 -4.39 15.11 18.77
N ILE A 141 -4.42 14.62 17.54
CA ILE A 141 -5.27 13.50 17.21
C ILE A 141 -4.71 12.73 16.03
N LEU A 142 -4.74 11.41 16.14
CA LEU A 142 -4.27 10.53 15.09
C LEU A 142 -5.34 9.50 14.76
N VAL A 143 -5.68 9.40 13.47
CA VAL A 143 -6.67 8.45 13.02
C VAL A 143 -6.04 7.29 12.26
N ALA A 144 -6.24 6.08 12.76
CA ALA A 144 -5.69 4.89 12.14
C ALA A 144 -6.77 4.18 11.31
N ASP A 145 -6.67 4.33 9.99
CA ASP A 145 -7.63 3.70 9.10
C ASP A 145 -7.24 2.23 8.84
N GLU A 146 -8.22 1.34 8.86
CA GLU A 146 -7.96 -0.09 8.67
C GLU A 146 -7.14 -0.57 9.87
N ILE A 147 -7.51 -0.10 11.06
CA ILE A 147 -6.76 -0.44 12.24
C ILE A 147 -6.63 -1.93 12.51
N HIS A 148 -7.54 -2.72 11.93
CA HIS A 148 -7.50 -4.17 12.12
C HIS A 148 -6.26 -4.77 11.47
N LEU A 149 -5.73 -4.13 10.43
CA LEU A 149 -4.53 -4.62 9.76
C LEU A 149 -3.36 -4.74 10.75
N ILE A 150 -3.58 -4.31 11.98
CA ILE A 150 -2.57 -4.39 13.02
C ILE A 150 -2.32 -5.89 13.24
N GLY A 151 -3.30 -6.70 12.85
CA GLY A 151 -3.21 -8.14 12.99
C GLY A 151 -2.61 -8.80 11.76
N SER A 152 -2.11 -7.99 10.84
CA SER A 152 -1.50 -8.49 9.62
C SER A 152 0.00 -8.67 9.84
N ARG A 153 0.51 -9.85 9.51
CA ARG A 153 1.92 -10.20 9.71
C ARG A 153 2.93 -9.27 9.05
N ASP A 154 2.74 -9.04 7.76
CA ASP A 154 3.63 -8.18 7.00
C ASP A 154 3.98 -6.86 7.66
N ARG A 155 2.99 -5.99 7.81
CA ARG A 155 3.23 -4.66 8.36
C ARG A 155 2.45 -4.25 9.59
N GLY A 156 1.69 -5.18 10.18
CA GLY A 156 0.89 -4.86 11.35
C GLY A 156 1.69 -4.42 12.56
N ALA A 157 2.97 -4.75 12.59
CA ALA A 157 3.81 -4.37 13.71
C ALA A 157 4.11 -2.88 13.70
N THR A 158 4.33 -2.31 12.52
CA THR A 158 4.63 -0.89 12.40
C THR A 158 3.46 -0.04 12.91
N LEU A 159 2.25 -0.46 12.56
CA LEU A 159 1.06 0.25 12.99
C LEU A 159 0.94 0.18 14.51
N GLU A 160 1.24 -0.99 15.07
CA GLU A 160 1.18 -1.18 16.51
C GLU A 160 2.20 -0.28 17.23
N VAL A 161 3.40 -0.17 16.65
CA VAL A 161 4.47 0.64 17.23
C VAL A 161 4.16 2.13 17.30
N ILE A 162 3.72 2.73 16.20
CA ILE A 162 3.39 4.16 16.23
C ILE A 162 2.25 4.40 17.18
N LEU A 163 1.27 3.50 17.20
CA LEU A 163 0.14 3.62 18.10
C LEU A 163 0.57 3.45 19.56
N ALA A 164 1.73 2.84 19.76
CA ALA A 164 2.26 2.62 21.11
C ALA A 164 3.03 3.85 21.57
N HIS A 165 3.65 4.55 20.62
CA HIS A 165 4.42 5.76 20.95
C HIS A 165 3.44 6.90 21.23
N MET A 166 2.40 6.98 20.40
CA MET A 166 1.40 8.04 20.49
C MET A 166 0.32 7.91 21.53
N LEU A 167 -0.02 6.69 21.94
CA LEU A 167 -1.04 6.49 22.96
C LEU A 167 -0.75 7.33 24.19
N GLY A 168 -1.79 7.94 24.75
CA GLY A 168 -1.63 8.75 25.93
C GLY A 168 -0.88 10.04 25.68
N LYS A 169 -0.65 10.36 24.40
CA LYS A 169 0.06 11.56 24.01
C LYS A 169 -0.82 12.32 23.03
N ALA A 170 -1.80 11.62 22.48
CA ALA A 170 -2.70 12.20 21.52
C ALA A 170 -4.00 11.42 21.49
N GLN A 171 -5.05 12.04 20.97
CA GLN A 171 -6.30 11.34 20.87
C GLN A 171 -6.13 10.34 19.73
N ILE A 172 -6.55 9.10 19.96
CA ILE A 172 -6.43 8.05 18.96
C ILE A 172 -7.81 7.54 18.54
N ILE A 173 -8.04 7.53 17.23
CA ILE A 173 -9.29 7.00 16.69
C ILE A 173 -8.95 5.93 15.65
N GLY A 174 -9.40 4.71 15.92
CA GLY A 174 -9.17 3.59 15.01
C GLY A 174 -10.40 3.25 14.18
N LEU A 175 -10.18 2.97 12.89
CA LEU A 175 -11.27 2.59 12.00
C LEU A 175 -11.00 1.16 11.54
N SER A 176 -11.91 0.24 11.88
CA SER A 176 -11.70 -1.13 11.45
C SER A 176 -12.92 -1.88 10.99
N ALA A 177 -12.64 -3.02 10.36
CA ALA A 177 -13.69 -3.90 9.88
C ALA A 177 -14.18 -4.67 11.11
N THR A 178 -15.17 -5.54 10.92
CA THR A 178 -15.67 -6.29 12.06
C THR A 178 -14.61 -7.30 12.41
N ILE A 179 -14.31 -7.42 13.70
CA ILE A 179 -13.30 -8.36 14.14
C ILE A 179 -13.76 -9.21 15.31
N GLY A 180 -12.99 -10.23 15.62
CA GLY A 180 -13.34 -11.11 16.72
C GLY A 180 -13.14 -10.56 18.11
N ASN A 181 -12.14 -9.70 18.28
CA ASN A 181 -11.88 -9.16 19.61
C ASN A 181 -11.99 -7.63 19.72
N PRO A 182 -13.17 -7.06 19.40
CA PRO A 182 -13.38 -5.62 19.46
C PRO A 182 -13.06 -5.03 20.84
N GLU A 183 -13.67 -5.57 21.89
CA GLU A 183 -13.43 -5.06 23.24
C GLU A 183 -11.98 -5.07 23.64
N GLU A 184 -11.25 -6.11 23.26
CA GLU A 184 -9.85 -6.22 23.62
C GLU A 184 -9.04 -5.08 23.00
N LEU A 185 -9.23 -4.86 21.71
CA LEU A 185 -8.52 -3.81 21.01
C LEU A 185 -8.88 -2.44 21.59
N ALA A 186 -10.16 -2.24 21.89
CA ALA A 186 -10.66 -0.98 22.45
C ALA A 186 -10.05 -0.68 23.81
N GLU A 187 -9.99 -1.69 24.67
CA GLU A 187 -9.41 -1.53 26.00
C GLU A 187 -7.93 -1.18 25.96
N TRP A 188 -7.18 -1.80 25.06
CA TRP A 188 -5.77 -1.50 24.93
C TRP A 188 -5.63 -0.04 24.52
N LEU A 189 -6.60 0.40 23.72
CA LEU A 189 -6.63 1.77 23.22
C LEU A 189 -7.27 2.71 24.23
N ASN A 190 -7.86 2.15 25.29
CA ASN A 190 -8.53 2.99 26.28
C ASN A 190 -9.56 3.77 25.45
N ALA A 191 -10.23 3.06 24.56
CA ALA A 191 -11.19 3.67 23.65
C ALA A 191 -12.64 3.28 23.83
N GLU A 192 -13.52 4.20 23.39
CA GLU A 192 -14.95 3.99 23.40
C GLU A 192 -15.13 3.03 22.23
N LEU A 193 -16.00 2.05 22.38
CA LEU A 193 -16.24 1.08 21.33
C LEU A 193 -17.59 1.28 20.63
N ILE A 194 -17.53 1.45 19.33
CA ILE A 194 -18.75 1.60 18.56
C ILE A 194 -18.79 0.45 17.55
N VAL A 195 -19.61 -0.55 17.85
CA VAL A 195 -19.77 -1.71 16.97
C VAL A 195 -21.18 -1.73 16.39
N SER A 196 -21.26 -1.83 15.06
CA SER A 196 -22.53 -1.83 14.38
C SER A 196 -22.46 -2.45 13.00
N ASP A 197 -23.59 -2.97 12.54
CA ASP A 197 -23.67 -3.55 11.22
C ASP A 197 -24.81 -2.87 10.46
N TRP A 198 -25.20 -1.70 10.94
CA TRP A 198 -26.26 -0.94 10.28
C TRP A 198 -25.65 -0.42 8.99
N ARG A 199 -26.37 -0.56 7.88
CA ARG A 199 -25.88 -0.05 6.63
C ARG A 199 -27.01 0.71 5.94
N PRO A 200 -26.67 1.71 5.12
CA PRO A 200 -27.62 2.54 4.38
C PRO A 200 -28.38 1.80 3.29
N VAL A 201 -27.76 0.76 2.75
CA VAL A 201 -28.37 -0.02 1.69
C VAL A 201 -28.35 -1.51 2.06
N LYS A 202 -29.53 -2.07 2.29
CA LYS A 202 -29.68 -3.48 2.65
C LYS A 202 -28.79 -4.40 1.82
N LEU A 203 -28.11 -5.31 2.51
CA LEU A 203 -27.22 -6.28 1.87
C LEU A 203 -27.77 -7.69 2.06
N ARG A 204 -27.84 -8.44 0.97
CA ARG A 204 -28.31 -9.82 1.02
C ARG A 204 -27.14 -10.68 0.58
N ARG A 205 -26.70 -11.60 1.45
CA ARG A 205 -25.58 -12.45 1.10
C ARG A 205 -26.00 -13.88 0.81
N GLY A 206 -25.40 -14.44 -0.24
CA GLY A 206 -25.72 -15.80 -0.62
C GLY A 206 -24.52 -16.63 -1.09
N VAL A 207 -24.81 -17.88 -1.39
CA VAL A 207 -23.80 -18.81 -1.88
C VAL A 207 -24.31 -19.44 -3.15
N PHE A 208 -23.54 -19.35 -4.22
CA PHE A 208 -23.93 -19.95 -5.49
C PHE A 208 -23.39 -21.38 -5.55
N TYR A 209 -24.29 -22.33 -5.79
CA TYR A 209 -23.87 -23.71 -5.88
C TYR A 209 -24.63 -24.49 -6.93
N GLN A 210 -23.93 -24.81 -8.00
CA GLN A 210 -24.52 -25.58 -9.09
C GLN A 210 -25.85 -25.05 -9.61
N GLY A 211 -25.83 -23.91 -10.29
CA GLY A 211 -27.05 -23.36 -10.86
C GLY A 211 -28.01 -22.61 -9.95
N PHE A 212 -27.69 -22.55 -8.67
CA PHE A 212 -28.54 -21.85 -7.72
C PHE A 212 -27.80 -21.02 -6.68
N VAL A 213 -28.44 -19.91 -6.32
CA VAL A 213 -27.92 -19.02 -5.31
C VAL A 213 -28.82 -19.26 -4.11
N THR A 214 -28.22 -19.53 -2.97
CA THR A 214 -29.00 -19.73 -1.76
C THR A 214 -28.69 -18.51 -0.91
N TRP A 215 -29.72 -17.76 -0.56
CA TRP A 215 -29.54 -16.56 0.25
C TRP A 215 -29.66 -16.87 1.72
N GLU A 216 -28.87 -16.15 2.53
CA GLU A 216 -28.89 -16.32 3.96
C GLU A 216 -30.29 -16.39 4.54
N ASP A 217 -31.21 -15.61 3.97
CA ASP A 217 -32.58 -15.60 4.45
C ASP A 217 -33.32 -16.89 4.14
N GLY A 218 -32.79 -17.69 3.23
CA GLY A 218 -33.44 -18.96 2.92
C GLY A 218 -33.85 -19.22 1.48
N SER A 219 -34.28 -18.18 0.77
CA SER A 219 -34.72 -18.32 -0.61
C SER A 219 -33.64 -18.89 -1.50
N ILE A 220 -34.08 -19.44 -2.63
CA ILE A 220 -33.15 -20.02 -3.59
C ILE A 220 -33.48 -19.49 -4.97
N ASP A 221 -32.47 -19.01 -5.69
CA ASP A 221 -32.71 -18.48 -7.02
C ASP A 221 -31.90 -19.21 -8.07
N ARG A 222 -32.49 -19.35 -9.26
CA ARG A 222 -31.84 -20.05 -10.34
C ARG A 222 -30.93 -19.16 -11.16
N PHE A 223 -29.74 -19.69 -11.48
CA PHE A 223 -28.74 -19.03 -12.31
C PHE A 223 -27.96 -20.14 -12.99
N SER A 224 -28.09 -20.22 -14.31
CA SER A 224 -27.42 -21.25 -15.08
C SER A 224 -25.92 -21.34 -14.77
N SER A 225 -25.31 -20.19 -14.52
CA SER A 225 -23.87 -20.13 -14.22
C SER A 225 -23.57 -18.89 -13.36
N TRP A 226 -22.47 -18.92 -12.59
CA TRP A 226 -22.16 -17.76 -11.76
C TRP A 226 -22.00 -16.51 -12.63
N GLU A 227 -21.29 -16.64 -13.75
CA GLU A 227 -21.12 -15.49 -14.63
C GLU A 227 -22.46 -14.88 -15.05
N GLU A 228 -23.54 -15.67 -14.96
CA GLU A 228 -24.87 -15.18 -15.32
C GLU A 228 -25.31 -14.09 -14.33
N LEU A 229 -24.73 -14.13 -13.14
CA LEU A 229 -25.03 -13.15 -12.10
C LEU A 229 -24.53 -11.80 -12.60
N VAL A 230 -23.40 -11.82 -13.29
CA VAL A 230 -22.80 -10.62 -13.86
C VAL A 230 -23.70 -10.08 -14.99
N TYR A 231 -24.00 -10.93 -15.96
CA TYR A 231 -24.83 -10.56 -17.11
C TYR A 231 -26.23 -10.13 -16.66
N ASP A 232 -26.70 -10.68 -15.56
CA ASP A 232 -28.01 -10.31 -15.07
C ASP A 232 -27.91 -8.92 -14.45
N ALA A 233 -26.80 -8.66 -13.78
CA ALA A 233 -26.61 -7.36 -13.16
C ALA A 233 -26.58 -6.32 -14.27
N ILE A 234 -25.78 -6.58 -15.29
CA ILE A 234 -25.64 -5.66 -16.40
C ILE A 234 -26.95 -5.37 -17.16
N ARG A 235 -27.81 -6.38 -17.34
CA ARG A 235 -29.08 -6.15 -18.03
C ARG A 235 -30.03 -5.28 -17.21
N LYS A 236 -29.95 -5.39 -15.89
CA LYS A 236 -30.78 -4.55 -15.03
C LYS A 236 -30.10 -3.18 -14.81
N LYS A 237 -29.24 -2.80 -15.75
CA LYS A 237 -28.53 -1.52 -15.70
C LYS A 237 -27.61 -1.28 -14.49
N LYS A 238 -27.19 -2.36 -13.83
CA LYS A 238 -26.29 -2.24 -12.68
C LYS A 238 -24.92 -2.78 -13.06
N GLY A 239 -24.10 -3.07 -12.05
CA GLY A 239 -22.77 -3.58 -12.32
C GLY A 239 -22.34 -4.64 -11.33
N ALA A 240 -21.14 -5.20 -11.56
CA ALA A 240 -20.62 -6.23 -10.69
C ALA A 240 -19.12 -6.16 -10.47
N LEU A 241 -18.73 -6.63 -9.29
CA LEU A 241 -17.33 -6.69 -8.92
C LEU A 241 -17.03 -8.18 -8.67
N ILE A 242 -15.99 -8.71 -9.30
CA ILE A 242 -15.64 -10.11 -9.15
C ILE A 242 -14.24 -10.30 -8.55
N PHE A 243 -14.14 -11.11 -7.51
CA PHE A 243 -12.85 -11.38 -6.87
C PHE A 243 -12.25 -12.77 -7.13
N VAL A 244 -10.98 -12.79 -7.52
CA VAL A 244 -10.26 -14.04 -7.75
C VAL A 244 -8.92 -13.98 -6.99
N ASN A 245 -8.33 -15.14 -6.73
CA ASN A 245 -7.07 -15.25 -5.98
C ASN A 245 -5.75 -15.22 -6.75
N MET A 246 -5.75 -14.93 -8.05
CA MET A 246 -4.51 -14.89 -8.82
C MET A 246 -4.64 -13.92 -10.01
N ARG A 247 -3.57 -13.14 -10.26
CA ARG A 247 -3.56 -12.16 -11.36
C ARG A 247 -4.04 -12.71 -12.68
N ARG A 248 -3.31 -13.69 -13.22
CA ARG A 248 -3.66 -14.30 -14.50
C ARG A 248 -5.12 -14.78 -14.51
N LYS A 249 -5.61 -15.20 -13.35
CA LYS A 249 -6.98 -15.67 -13.17
C LYS A 249 -7.91 -14.48 -13.45
N ALA A 250 -7.66 -13.36 -12.78
CA ALA A 250 -8.46 -12.16 -12.99
C ALA A 250 -8.45 -11.78 -14.47
N GLU A 251 -7.28 -11.91 -15.09
CA GLU A 251 -7.11 -11.59 -16.50
C GLU A 251 -7.93 -12.51 -17.40
N ARG A 252 -7.91 -13.80 -17.10
CA ARG A 252 -8.66 -14.80 -17.87
C ARG A 252 -10.15 -14.56 -17.77
N VAL A 253 -10.63 -14.48 -16.53
CA VAL A 253 -12.06 -14.26 -16.26
C VAL A 253 -12.58 -12.98 -16.88
N ALA A 254 -11.83 -11.90 -16.73
CA ALA A 254 -12.21 -10.61 -17.29
C ALA A 254 -12.50 -10.71 -18.79
N LEU A 255 -11.58 -11.34 -19.52
CA LEU A 255 -11.71 -11.52 -20.97
C LEU A 255 -12.89 -12.42 -21.36
N GLU A 256 -13.13 -13.43 -20.55
CA GLU A 256 -14.20 -14.36 -20.80
C GLU A 256 -15.52 -13.63 -20.66
N LEU A 257 -15.70 -12.92 -19.56
CA LEU A 257 -16.92 -12.17 -19.34
C LEU A 257 -17.13 -11.10 -20.41
N SER A 258 -16.06 -10.42 -20.81
CA SER A 258 -16.17 -9.37 -21.81
C SER A 258 -16.68 -9.93 -23.13
N LYS A 259 -16.49 -11.23 -23.33
CA LYS A 259 -16.92 -11.85 -24.56
C LYS A 259 -18.44 -11.89 -24.67
N LYS A 260 -19.14 -11.87 -23.54
CA LYS A 260 -20.59 -11.90 -23.55
C LYS A 260 -21.17 -10.54 -23.18
N VAL A 261 -20.43 -9.78 -22.37
CA VAL A 261 -20.86 -8.45 -21.94
C VAL A 261 -20.87 -7.47 -23.09
N LYS A 262 -19.95 -7.62 -24.03
CA LYS A 262 -19.88 -6.70 -25.17
C LYS A 262 -21.23 -6.61 -25.85
N SER A 263 -21.85 -7.76 -26.07
CA SER A 263 -23.14 -7.82 -26.74
C SER A 263 -24.22 -7.21 -25.89
N LEU A 264 -23.86 -6.76 -24.70
CA LEU A 264 -24.82 -6.16 -23.78
C LEU A 264 -24.68 -4.65 -23.66
N LEU A 265 -23.79 -4.06 -24.46
CA LEU A 265 -23.53 -2.63 -24.40
C LEU A 265 -24.16 -1.80 -25.53
N THR A 266 -24.57 -0.58 -25.18
CA THR A 266 -25.16 0.35 -26.14
C THR A 266 -24.00 0.78 -27.05
N LYS A 267 -24.32 1.42 -28.17
CA LYS A 267 -23.29 1.86 -29.11
C LYS A 267 -22.34 2.90 -28.48
N PRO A 268 -22.88 3.88 -27.73
CA PRO A 268 -22.06 4.92 -27.08
C PRO A 268 -21.02 4.29 -26.15
N GLU A 269 -21.49 3.42 -25.27
CA GLU A 269 -20.62 2.73 -24.32
C GLU A 269 -19.49 2.04 -25.07
N ILE A 270 -19.80 1.41 -26.19
CA ILE A 270 -18.79 0.71 -26.97
C ILE A 270 -17.70 1.65 -27.45
N ARG A 271 -18.10 2.85 -27.85
CA ARG A 271 -17.16 3.87 -28.31
C ARG A 271 -16.21 4.27 -27.19
N ALA A 272 -16.77 4.74 -26.08
CA ALA A 272 -15.97 5.18 -24.93
C ALA A 272 -14.96 4.12 -24.55
N LEU A 273 -15.45 2.89 -24.39
CA LEU A 273 -14.60 1.77 -24.02
C LEU A 273 -13.51 1.62 -25.04
N ASN A 274 -13.86 1.80 -26.32
CA ASN A 274 -12.86 1.70 -27.37
C ASN A 274 -11.86 2.86 -27.28
N GLU A 275 -12.35 4.08 -27.03
CA GLU A 275 -11.44 5.22 -26.90
C GLU A 275 -10.57 4.94 -25.68
N LEU A 276 -11.21 4.36 -24.66
CA LEU A 276 -10.55 4.03 -23.41
C LEU A 276 -9.41 3.02 -23.58
N ALA A 277 -9.64 2.00 -24.40
CA ALA A 277 -8.66 0.97 -24.62
C ALA A 277 -7.53 1.45 -25.53
N ASP A 278 -7.86 2.33 -26.48
CA ASP A 278 -6.85 2.86 -27.39
C ASP A 278 -5.91 3.83 -26.65
N SER A 279 -6.43 4.44 -25.58
CA SER A 279 -5.66 5.39 -24.81
C SER A 279 -4.76 4.76 -23.76
N LEU A 280 -4.38 3.49 -23.93
CA LEU A 280 -3.53 2.79 -22.96
C LEU A 280 -2.10 2.58 -23.43
N GLU A 281 -1.15 2.86 -22.54
CA GLU A 281 0.26 2.69 -22.84
C GLU A 281 0.57 1.27 -23.33
N GLU A 282 1.26 1.20 -24.45
CA GLU A 282 1.66 -0.06 -25.06
C GLU A 282 2.52 -0.91 -24.14
N ASN A 283 2.22 -2.21 -24.14
CA ASN A 283 2.91 -3.27 -23.39
C ASN A 283 1.97 -4.48 -23.32
N PRO A 284 2.53 -5.70 -23.16
CA PRO A 284 1.78 -6.97 -23.08
C PRO A 284 0.60 -7.01 -22.12
N THR A 285 0.80 -6.47 -20.92
CA THR A 285 -0.25 -6.48 -19.90
C THR A 285 -1.41 -5.55 -20.22
N ASN A 286 -1.14 -4.48 -20.95
CA ASN A 286 -2.20 -3.55 -21.30
C ASN A 286 -2.94 -4.10 -22.51
N GLU A 287 -2.22 -4.85 -23.34
CA GLU A 287 -2.81 -5.48 -24.51
C GLU A 287 -4.05 -6.23 -24.06
N LYS A 288 -3.87 -7.04 -23.02
CA LYS A 288 -4.96 -7.83 -22.48
C LYS A 288 -6.03 -6.93 -21.89
N LEU A 289 -5.58 -5.97 -21.08
CA LEU A 289 -6.51 -5.04 -20.44
C LEU A 289 -7.35 -4.31 -21.48
N ALA A 290 -6.74 -4.02 -22.63
CA ALA A 290 -7.43 -3.32 -23.70
C ALA A 290 -8.54 -4.18 -24.29
N LYS A 291 -8.16 -5.40 -24.69
CA LYS A 291 -9.07 -6.35 -25.29
C LYS A 291 -10.34 -6.59 -24.49
N ALA A 292 -10.25 -6.62 -23.16
CA ALA A 292 -11.42 -6.85 -22.33
C ALA A 292 -12.22 -5.58 -22.03
N ILE A 293 -11.59 -4.42 -22.11
CA ILE A 293 -12.30 -3.16 -21.85
C ILE A 293 -13.20 -2.90 -23.05
N ARG A 294 -12.69 -3.16 -24.25
CA ARG A 294 -13.51 -2.96 -25.43
C ARG A 294 -14.77 -3.81 -25.30
N GLY A 295 -14.71 -4.80 -24.41
CA GLY A 295 -15.83 -5.69 -24.18
C GLY A 295 -16.67 -5.32 -22.97
N GLY A 296 -16.31 -4.22 -22.31
CA GLY A 296 -17.07 -3.76 -21.16
C GLY A 296 -16.66 -4.23 -19.78
N VAL A 297 -15.68 -5.12 -19.71
CA VAL A 297 -15.19 -5.68 -18.45
C VAL A 297 -13.71 -5.38 -18.28
N ALA A 298 -13.26 -5.25 -17.03
CA ALA A 298 -11.85 -5.01 -16.77
C ALA A 298 -11.27 -5.85 -15.64
N PHE A 299 -9.96 -6.07 -15.68
CA PHE A 299 -9.31 -6.79 -14.60
C PHE A 299 -8.46 -5.76 -13.82
N HIS A 300 -8.14 -6.08 -12.57
CA HIS A 300 -7.40 -5.13 -11.75
C HIS A 300 -6.63 -5.83 -10.66
N HIS A 301 -5.32 -5.64 -10.70
CA HIS A 301 -4.39 -6.24 -9.74
C HIS A 301 -3.09 -5.43 -9.74
N ALA A 302 -2.27 -5.61 -8.71
CA ALA A 302 -1.01 -4.89 -8.59
C ALA A 302 -0.08 -5.04 -9.79
N GLY A 303 -0.39 -5.99 -10.68
CA GLY A 303 0.42 -6.19 -11.87
C GLY A 303 0.29 -5.06 -12.87
N LEU A 304 -0.80 -4.31 -12.76
CA LEU A 304 -1.05 -3.16 -13.65
C LEU A 304 -0.45 -1.91 -12.99
N GLY A 305 0.11 -1.02 -13.80
CA GLY A 305 0.66 0.21 -13.24
C GLY A 305 -0.42 0.95 -12.46
N ARG A 306 -0.06 1.92 -11.63
CA ARG A 306 -1.09 2.62 -10.89
C ARG A 306 -1.99 3.40 -11.85
N ASP A 307 -1.41 3.93 -12.91
CA ASP A 307 -2.18 4.69 -13.90
C ASP A 307 -3.35 3.90 -14.49
N GLU A 308 -3.11 2.64 -14.82
CA GLU A 308 -4.16 1.82 -15.42
C GLU A 308 -5.21 1.40 -14.39
N ARG A 309 -4.78 1.19 -13.16
CA ARG A 309 -5.70 0.80 -12.10
C ARG A 309 -6.67 1.93 -11.81
N VAL A 310 -6.16 3.15 -11.83
CA VAL A 310 -6.98 4.33 -11.57
C VAL A 310 -7.99 4.48 -12.71
N LEU A 311 -7.52 4.28 -13.93
CA LEU A 311 -8.37 4.37 -15.11
C LEU A 311 -9.56 3.43 -14.99
N VAL A 312 -9.29 2.22 -14.51
CA VAL A 312 -10.30 1.20 -14.30
C VAL A 312 -11.19 1.63 -13.14
N GLU A 313 -10.55 2.05 -12.04
CA GLU A 313 -11.27 2.49 -10.86
C GLU A 313 -12.29 3.57 -11.18
N GLU A 314 -11.87 4.63 -11.85
CA GLU A 314 -12.82 5.68 -12.18
C GLU A 314 -13.85 5.27 -13.24
N ASN A 315 -13.41 4.70 -14.37
CA ASN A 315 -14.37 4.32 -15.40
C ASN A 315 -15.43 3.33 -14.93
N PHE A 316 -15.13 2.64 -13.84
CA PHE A 316 -16.09 1.70 -13.29
C PHE A 316 -17.11 2.51 -12.52
N ARG A 317 -16.65 3.61 -11.93
CA ARG A 317 -17.50 4.51 -11.17
C ARG A 317 -18.41 5.21 -12.20
N LYS A 318 -17.80 5.72 -13.28
CA LYS A 318 -18.53 6.40 -14.34
C LYS A 318 -19.55 5.48 -15.03
N GLY A 319 -19.57 4.21 -14.64
CA GLY A 319 -20.50 3.29 -15.23
C GLY A 319 -20.23 2.92 -16.69
N ILE A 320 -19.01 3.20 -17.15
CA ILE A 320 -18.64 2.87 -18.53
C ILE A 320 -18.19 1.40 -18.52
N ILE A 321 -17.21 1.09 -17.65
CA ILE A 321 -16.75 -0.28 -17.49
C ILE A 321 -17.85 -0.96 -16.65
N LYS A 322 -18.48 -1.99 -17.19
CA LYS A 322 -19.58 -2.66 -16.50
C LYS A 322 -19.21 -3.61 -15.37
N ALA A 323 -18.04 -4.22 -15.47
CA ALA A 323 -17.61 -5.15 -14.44
C ALA A 323 -16.11 -5.04 -14.25
N VAL A 324 -15.64 -5.45 -13.09
CA VAL A 324 -14.21 -5.43 -12.80
C VAL A 324 -13.82 -6.71 -12.07
N VAL A 325 -12.86 -7.43 -12.64
CA VAL A 325 -12.38 -8.66 -12.01
C VAL A 325 -11.10 -8.24 -11.30
N ALA A 326 -11.08 -8.39 -9.99
CA ALA A 326 -9.93 -7.97 -9.21
C ALA A 326 -9.45 -8.96 -8.17
N THR A 327 -8.16 -8.83 -7.87
CA THR A 327 -7.54 -9.64 -6.86
C THR A 327 -7.72 -8.82 -5.58
N PRO A 328 -7.59 -9.46 -4.41
CA PRO A 328 -7.74 -8.78 -3.12
C PRO A 328 -6.79 -7.60 -2.91
N THR A 329 -5.51 -7.89 -2.73
CA THR A 329 -4.51 -6.87 -2.49
C THR A 329 -4.59 -5.71 -3.49
N LEU A 330 -4.97 -4.55 -2.94
CA LEU A 330 -5.13 -3.31 -3.70
C LEU A 330 -6.31 -3.36 -4.66
N SER A 331 -7.51 -3.47 -4.10
CA SER A 331 -8.74 -3.51 -4.89
C SER A 331 -9.61 -2.29 -4.59
N PRO A 337 -18.11 0.60 -4.98
CA PRO A 337 -19.26 -0.25 -4.65
C PRO A 337 -20.00 -0.67 -5.92
N ALA A 338 -20.65 -1.82 -5.87
CA ALA A 338 -21.38 -2.32 -7.02
C ALA A 338 -22.60 -3.07 -6.55
N PHE A 339 -23.62 -3.14 -7.39
CA PHE A 339 -24.84 -3.87 -7.07
C PHE A 339 -24.50 -5.27 -6.55
N ARG A 340 -23.76 -6.02 -7.35
CA ARG A 340 -23.37 -7.38 -6.98
C ARG A 340 -21.87 -7.56 -6.82
N VAL A 341 -21.50 -8.19 -5.71
CA VAL A 341 -20.11 -8.50 -5.43
C VAL A 341 -19.99 -10.01 -5.46
N ILE A 342 -19.24 -10.53 -6.42
CA ILE A 342 -19.06 -11.97 -6.52
C ILE A 342 -17.65 -12.38 -6.11
N ILE A 343 -17.58 -13.25 -5.10
CA ILE A 343 -16.32 -13.78 -4.64
C ILE A 343 -16.18 -15.14 -5.33
N ARG A 344 -15.46 -15.17 -6.45
CA ARG A 344 -15.25 -16.39 -7.23
C ARG A 344 -14.34 -17.46 -6.62
N ASP A 345 -13.38 -17.05 -5.78
CA ASP A 345 -12.46 -17.99 -5.14
C ASP A 345 -12.47 -17.81 -3.64
N ILE A 346 -12.53 -18.92 -2.90
CA ILE A 346 -12.51 -18.85 -1.45
C ILE A 346 -11.23 -19.49 -0.94
N TRP A 347 -10.39 -19.96 -1.87
CA TRP A 347 -9.13 -20.59 -1.53
C TRP A 347 -8.00 -19.83 -2.22
N ARG A 348 -6.90 -19.61 -1.52
CA ARG A 348 -5.79 -18.88 -2.10
C ARG A 348 -4.43 -19.55 -1.85
N TYR A 349 -3.54 -19.44 -2.84
CA TYR A 349 -2.20 -19.99 -2.76
C TYR A 349 -1.41 -19.18 -1.73
N SER A 350 -0.92 -19.85 -0.70
CA SER A 350 -0.14 -19.19 0.35
C SER A 350 1.26 -19.77 0.50
N ASP A 351 2.12 -19.02 1.21
CA ASP A 351 3.48 -19.45 1.48
C ASP A 351 3.39 -20.60 2.47
N PHE A 352 2.19 -20.80 3.02
CA PHE A 352 1.93 -21.88 3.97
C PHE A 352 1.26 -23.02 3.23
N GLY A 353 0.95 -22.80 1.96
CA GLY A 353 0.25 -23.81 1.17
C GLY A 353 -1.19 -23.34 1.07
N MET A 354 -1.83 -23.52 -0.10
CA MET A 354 -3.22 -23.10 -0.32
C MET A 354 -4.03 -23.06 0.97
N GLU A 355 -4.83 -22.01 1.14
CA GLU A 355 -5.65 -21.83 2.36
C GLU A 355 -6.90 -21.02 2.03
N ARG A 356 -7.88 -21.06 2.93
CA ARG A 356 -9.10 -20.30 2.73
C ARG A 356 -8.91 -18.82 3.05
N ILE A 357 -9.57 -17.95 2.29
CA ILE A 357 -9.45 -16.52 2.56
C ILE A 357 -10.03 -16.26 3.94
N PRO A 358 -9.35 -15.44 4.74
CA PRO A 358 -9.83 -15.14 6.09
C PRO A 358 -11.25 -14.56 6.11
N ILE A 359 -12.05 -15.00 7.07
CA ILE A 359 -13.42 -14.53 7.25
C ILE A 359 -13.46 -13.00 7.22
N ILE A 360 -12.58 -12.37 7.98
CA ILE A 360 -12.52 -10.91 8.02
C ILE A 360 -12.46 -10.30 6.63
N GLU A 361 -11.67 -10.89 5.74
CA GLU A 361 -11.53 -10.36 4.40
C GLU A 361 -12.76 -10.60 3.53
N VAL A 362 -13.37 -11.77 3.69
CA VAL A 362 -14.56 -12.14 2.92
C VAL A 362 -15.71 -11.20 3.25
N HIS A 363 -15.79 -10.75 4.50
CA HIS A 363 -16.84 -9.80 4.89
C HIS A 363 -16.61 -8.42 4.27
N GLN A 364 -15.36 -7.99 4.21
CA GLN A 364 -15.05 -6.70 3.61
C GLN A 364 -15.39 -6.71 2.13
N MET A 365 -15.14 -7.83 1.46
CA MET A 365 -15.44 -7.92 0.04
C MET A 365 -16.95 -7.80 -0.18
N LEU A 366 -17.72 -8.57 0.59
CA LEU A 366 -19.18 -8.54 0.46
C LEU A 366 -19.74 -7.17 0.81
N GLY A 367 -19.08 -6.48 1.75
CA GLY A 367 -19.52 -5.17 2.19
C GLY A 367 -19.59 -4.12 1.09
N ARG A 368 -18.83 -4.33 0.02
CA ARG A 368 -18.83 -3.41 -1.10
C ARG A 368 -20.03 -3.55 -2.03
N ALA A 369 -21.06 -4.29 -1.61
CA ALA A 369 -22.25 -4.49 -2.45
C ALA A 369 -23.37 -3.56 -2.03
N GLY A 370 -23.87 -2.78 -2.99
CA GLY A 370 -24.97 -1.85 -2.72
C GLY A 370 -24.63 -0.36 -2.65
N ARG A 371 -24.66 0.30 -3.81
CA ARG A 371 -24.39 1.74 -3.89
C ARG A 371 -25.57 2.51 -3.26
N PRO A 372 -25.31 3.21 -2.15
CA PRO A 372 -26.27 4.01 -1.36
C PRO A 372 -27.37 4.79 -2.09
N LYS A 373 -27.13 5.21 -3.32
CA LYS A 373 -28.15 5.95 -4.03
C LYS A 373 -28.85 5.15 -5.10
N TYR A 374 -28.06 4.52 -5.95
CA TYR A 374 -28.55 3.74 -7.07
C TYR A 374 -29.24 2.41 -6.77
N ASP A 375 -28.97 1.79 -5.61
CA ASP A 375 -29.62 0.50 -5.34
C ASP A 375 -30.48 0.43 -4.08
N GLU A 376 -31.55 -0.35 -4.14
CA GLU A 376 -32.45 -0.53 -3.00
C GLU A 376 -31.97 -1.74 -2.21
N VAL A 377 -30.90 -2.36 -2.71
CA VAL A 377 -30.31 -3.54 -2.09
C VAL A 377 -29.01 -3.95 -2.78
N GLY A 378 -28.09 -4.53 -2.01
CA GLY A 378 -26.84 -4.99 -2.55
C GLY A 378 -26.73 -6.48 -2.32
N GLU A 379 -26.18 -7.20 -3.29
CA GLU A 379 -26.03 -8.64 -3.18
C GLU A 379 -24.59 -9.13 -3.18
N GLY A 380 -24.26 -9.93 -2.17
CA GLY A 380 -22.92 -10.50 -2.05
C GLY A 380 -22.99 -12.01 -2.26
N ILE A 381 -22.29 -12.50 -3.27
CA ILE A 381 -22.34 -13.92 -3.59
C ILE A 381 -20.99 -14.66 -3.58
N ILE A 382 -20.92 -15.71 -2.79
CA ILE A 382 -19.72 -16.54 -2.69
C ILE A 382 -19.90 -17.80 -3.53
N VAL A 383 -19.03 -17.98 -4.52
CA VAL A 383 -19.10 -19.14 -5.40
C VAL A 383 -18.26 -20.29 -4.87
N SER A 384 -18.90 -21.41 -4.62
CA SER A 384 -18.19 -22.60 -4.17
C SER A 384 -18.19 -23.58 -5.32
N THR A 385 -17.00 -24.00 -5.74
CA THR A 385 -16.89 -24.95 -6.85
C THR A 385 -16.82 -26.36 -6.27
N SER A 386 -15.81 -26.60 -5.46
CA SER A 386 -15.57 -27.90 -4.80
C SER A 386 -15.57 -27.60 -3.32
N ASP A 387 -16.76 -27.42 -2.76
CA ASP A 387 -16.92 -27.10 -1.35
C ASP A 387 -18.37 -27.29 -0.96
N ASP A 388 -18.60 -27.83 0.23
CA ASP A 388 -19.95 -28.04 0.67
C ASP A 388 -20.61 -26.67 0.91
N PRO A 389 -21.69 -26.38 0.17
CA PRO A 389 -22.49 -25.15 0.22
C PRO A 389 -22.84 -24.68 1.63
N ARG A 390 -23.24 -25.63 2.48
CA ARG A 390 -23.60 -25.27 3.85
C ARG A 390 -22.39 -24.82 4.67
N GLU A 391 -21.26 -25.50 4.49
CA GLU A 391 -20.03 -25.16 5.20
C GLU A 391 -19.56 -23.75 4.82
N VAL A 392 -19.68 -23.42 3.54
CA VAL A 392 -19.29 -22.12 3.03
C VAL A 392 -20.18 -21.04 3.65
N MET A 393 -21.48 -21.34 3.73
CA MET A 393 -22.47 -20.42 4.29
C MET A 393 -22.25 -20.24 5.80
N ASN A 394 -22.04 -21.35 6.51
CA ASN A 394 -21.83 -21.31 7.94
C ASN A 394 -20.50 -20.70 8.37
N HIS A 395 -19.48 -20.85 7.53
CA HIS A 395 -18.16 -20.31 7.84
C HIS A 395 -18.01 -18.84 7.50
N TYR A 396 -18.50 -18.44 6.32
CA TYR A 396 -18.38 -17.06 5.86
C TYR A 396 -19.52 -16.09 6.07
N ILE A 397 -20.71 -16.60 6.34
CA ILE A 397 -21.84 -15.69 6.56
C ILE A 397 -22.24 -15.68 8.04
N PHE A 398 -22.03 -16.79 8.74
CA PHE A 398 -22.39 -16.86 10.15
C PHE A 398 -21.23 -17.23 11.04
N GLY A 399 -20.01 -17.11 10.52
CA GLY A 399 -18.84 -17.42 11.32
C GLY A 399 -18.23 -16.16 11.91
N LYS A 400 -17.91 -16.20 13.20
CA LYS A 400 -17.30 -15.05 13.83
C LYS A 400 -16.00 -14.75 13.11
N PRO A 401 -15.72 -13.47 12.85
CA PRO A 401 -14.48 -13.12 12.17
C PRO A 401 -13.27 -13.38 13.07
N GLU A 402 -12.12 -13.58 12.45
CA GLU A 402 -10.92 -13.88 13.22
C GLU A 402 -10.63 -12.79 14.24
N LYS A 403 -10.06 -13.17 15.37
CA LYS A 403 -9.68 -12.18 16.34
C LYS A 403 -8.29 -11.71 15.90
N LEU A 404 -7.95 -10.47 16.21
CA LEU A 404 -6.66 -9.96 15.83
C LEU A 404 -5.58 -10.39 16.80
N PHE A 405 -4.41 -10.69 16.26
CA PHE A 405 -3.28 -11.09 17.08
C PHE A 405 -2.14 -10.14 16.76
N SER A 406 -1.55 -9.56 17.80
CA SER A 406 -0.42 -8.68 17.62
C SER A 406 0.62 -9.41 16.80
N GLN A 407 1.12 -8.75 15.76
CA GLN A 407 2.15 -9.32 14.89
C GLN A 407 3.50 -8.70 15.23
N LEU A 408 3.61 -8.27 16.48
CA LEU A 408 4.82 -7.64 16.98
C LEU A 408 6.06 -8.57 16.93
N SER A 409 5.85 -9.88 17.15
CA SER A 409 6.95 -10.85 17.11
C SER A 409 7.63 -11.00 15.75
N ASN A 410 7.03 -10.46 14.70
CA ASN A 410 7.62 -10.52 13.37
C ASN A 410 9.10 -10.12 13.54
N GLU A 411 9.99 -11.10 13.42
CA GLU A 411 11.42 -10.89 13.61
C GLU A 411 12.07 -9.75 12.83
N SER A 412 11.61 -9.51 11.60
CA SER A 412 12.21 -8.44 10.81
C SER A 412 11.84 -7.08 11.37
N ASN A 413 10.57 -6.93 11.73
CA ASN A 413 10.08 -5.68 12.28
C ASN A 413 10.65 -5.46 13.67
N LEU A 414 10.70 -6.53 14.45
CA LEU A 414 11.20 -6.49 15.81
C LEU A 414 12.70 -6.17 15.95
N ARG A 415 13.51 -6.50 14.95
CA ARG A 415 14.92 -6.22 15.08
C ARG A 415 15.15 -4.78 14.65
N SER A 416 14.33 -4.33 13.71
CA SER A 416 14.41 -2.96 13.20
C SER A 416 13.82 -2.01 14.23
N GLN A 417 12.88 -2.51 15.02
CA GLN A 417 12.21 -1.71 16.03
C GLN A 417 13.01 -1.64 17.33
N VAL A 418 13.65 -2.74 17.71
CA VAL A 418 14.45 -2.72 18.92
C VAL A 418 15.59 -1.72 18.69
N LEU A 419 16.13 -1.71 17.47
CA LEU A 419 17.21 -0.80 17.14
C LEU A 419 16.74 0.64 17.15
N ALA A 420 15.53 0.87 16.65
CA ALA A 420 14.96 2.20 16.60
C ALA A 420 14.82 2.77 18.02
N LEU A 421 14.43 1.94 18.97
CA LEU A 421 14.27 2.39 20.33
C LEU A 421 15.61 2.88 20.89
N ILE A 422 16.64 2.08 20.70
CA ILE A 422 17.97 2.45 21.19
C ILE A 422 18.59 3.65 20.48
N ALA A 423 18.63 3.60 19.16
CA ALA A 423 19.25 4.65 18.36
C ALA A 423 18.48 5.94 18.09
N THR A 424 17.18 5.95 18.34
CA THR A 424 16.41 7.16 18.07
C THR A 424 15.37 7.55 19.11
N PHE A 425 15.25 6.77 20.18
CA PHE A 425 14.30 7.11 21.24
C PHE A 425 14.91 7.14 22.64
N GLY A 426 16.21 6.89 22.72
CA GLY A 426 16.88 6.93 24.01
C GLY A 426 16.76 5.71 24.92
N TYR A 427 16.31 4.57 24.40
CA TYR A 427 16.23 3.41 25.27
C TYR A 427 17.66 2.90 25.42
N SER A 428 18.14 2.88 26.65
CA SER A 428 19.50 2.46 26.95
C SER A 428 19.58 1.24 27.86
N THR A 429 18.45 0.59 28.10
CA THR A 429 18.41 -0.58 28.96
C THR A 429 17.46 -1.63 28.41
N VAL A 430 17.72 -2.90 28.75
CA VAL A 430 16.85 -3.98 28.31
C VAL A 430 15.49 -3.70 28.94
N GLU A 431 15.49 -3.49 30.25
CA GLU A 431 14.27 -3.20 30.99
C GLU A 431 13.48 -1.99 30.43
N GLU A 432 14.18 -1.00 29.86
CA GLU A 432 13.48 0.15 29.28
C GLU A 432 12.74 -0.31 28.03
N ILE A 433 13.41 -1.10 27.20
CA ILE A 433 12.83 -1.65 25.99
C ILE A 433 11.61 -2.48 26.37
N LEU A 434 11.76 -3.31 27.40
CA LEU A 434 10.66 -4.13 27.87
C LEU A 434 9.50 -3.27 28.37
N LYS A 435 9.80 -2.02 28.78
CA LYS A 435 8.75 -1.12 29.24
C LYS A 435 7.94 -0.69 28.03
N PHE A 436 8.62 -0.38 26.93
CA PHE A 436 7.92 0.01 25.73
C PHE A 436 7.01 -1.14 25.29
N ILE A 437 7.55 -2.36 25.28
CA ILE A 437 6.76 -3.52 24.87
C ILE A 437 5.51 -3.69 25.75
N SER A 438 5.62 -3.31 27.01
CA SER A 438 4.52 -3.43 27.96
C SER A 438 3.32 -2.59 27.53
N ASN A 439 3.58 -1.58 26.70
CA ASN A 439 2.52 -0.70 26.22
C ASN A 439 1.96 -1.11 24.85
N THR A 440 2.44 -2.21 24.29
CA THR A 440 1.95 -2.66 23.00
C THR A 440 0.72 -3.55 23.17
N PHE A 441 0.10 -3.89 22.05
CA PHE A 441 -1.08 -4.74 22.05
C PHE A 441 -0.62 -6.17 22.34
N TYR A 442 0.63 -6.46 22.00
CA TYR A 442 1.21 -7.77 22.28
C TYR A 442 1.13 -7.99 23.79
N ALA A 443 1.59 -6.99 24.55
CA ALA A 443 1.57 -7.08 26.00
C ALA A 443 0.16 -7.12 26.58
N TYR A 444 -0.74 -6.31 26.03
CA TYR A 444 -2.13 -6.27 26.50
C TYR A 444 -2.84 -7.61 26.29
N GLN A 445 -2.50 -8.32 25.20
CA GLN A 445 -3.10 -9.63 24.93
C GLN A 445 -2.43 -10.69 25.81
N ARG A 446 -1.38 -10.28 26.50
CA ARG A 446 -0.67 -11.18 27.39
C ARG A 446 -0.18 -12.41 26.66
N LYS A 447 0.21 -12.20 25.42
CA LYS A 447 0.73 -13.28 24.60
C LYS A 447 2.13 -13.66 25.07
N ASP A 448 2.71 -14.63 24.38
CA ASP A 448 4.05 -15.18 24.64
C ASP A 448 5.09 -14.16 25.17
N THR A 449 5.19 -14.03 26.49
CA THR A 449 6.13 -13.04 27.02
C THR A 449 7.60 -13.50 27.00
N TYR A 450 7.85 -14.73 27.48
CA TYR A 450 9.22 -15.28 27.51
C TYR A 450 9.88 -15.31 26.13
N SER A 451 9.20 -15.90 25.16
CA SER A 451 9.74 -16.02 23.81
C SER A 451 10.05 -14.66 23.17
N LEU A 452 9.31 -13.62 23.55
CA LEU A 452 9.57 -12.30 23.00
C LEU A 452 10.84 -11.70 23.59
N GLU A 453 11.02 -11.85 24.90
CA GLU A 453 12.23 -11.35 25.55
C GLU A 453 13.42 -12.00 24.88
N GLU A 454 13.39 -13.33 24.82
CA GLU A 454 14.46 -14.09 24.19
C GLU A 454 14.80 -13.55 22.81
N LYS A 455 13.78 -13.32 22.00
CA LYS A 455 13.97 -12.80 20.64
C LYS A 455 14.62 -11.41 20.70
N ILE A 456 14.35 -10.67 21.77
CA ILE A 456 14.91 -9.33 21.94
C ILE A 456 16.37 -9.38 22.42
N ARG A 457 16.67 -10.27 23.36
CA ARG A 457 18.04 -10.40 23.83
C ARG A 457 18.91 -10.90 22.67
N ASN A 458 18.41 -11.88 21.92
CA ASN A 458 19.15 -12.42 20.80
C ASN A 458 19.37 -11.34 19.76
N ILE A 459 18.38 -10.45 19.60
CA ILE A 459 18.50 -9.36 18.64
C ILE A 459 19.57 -8.39 19.11
N LEU A 460 19.53 -8.04 20.39
CA LEU A 460 20.51 -7.12 20.98
C LEU A 460 21.92 -7.60 20.67
N TYR A 461 22.11 -8.91 20.83
CA TYR A 461 23.36 -9.62 20.59
C TYR A 461 23.80 -9.45 19.13
N PHE A 462 22.88 -9.74 18.21
CA PHE A 462 23.17 -9.60 16.80
C PHE A 462 23.58 -8.14 16.52
N LEU A 463 22.88 -7.21 17.15
CA LEU A 463 23.18 -5.79 16.99
C LEU A 463 24.53 -5.45 17.60
N LEU A 464 24.83 -6.09 18.72
CA LEU A 464 26.09 -5.88 19.41
C LEU A 464 27.21 -6.48 18.57
N GLU A 465 27.03 -7.72 18.12
CA GLU A 465 28.03 -8.40 17.29
C GLU A 465 28.35 -7.69 15.99
N ASN A 466 27.39 -6.95 15.44
CA ASN A 466 27.61 -6.24 14.18
C ASN A 466 27.95 -4.77 14.28
N GLU A 467 28.11 -4.28 15.51
CA GLU A 467 28.49 -2.89 15.76
C GLU A 467 27.46 -1.79 15.49
N PHE A 468 26.17 -2.10 15.67
CA PHE A 468 25.12 -1.09 15.48
C PHE A 468 25.01 -0.38 16.84
N ILE A 469 25.24 -1.15 17.90
CA ILE A 469 25.16 -0.64 19.26
C ILE A 469 26.32 -1.17 20.09
N GLU A 470 26.38 -0.72 21.34
CA GLU A 470 27.42 -1.18 22.26
C GLU A 470 26.78 -1.42 23.62
N ILE A 471 27.38 -2.31 24.40
CA ILE A 471 26.84 -2.61 25.73
C ILE A 471 28.02 -2.57 26.66
N SER A 472 27.80 -2.21 27.92
CA SER A 472 28.87 -2.12 28.91
C SER A 472 28.77 -3.22 29.99
N LEU A 473 29.70 -3.20 30.94
CA LEU A 473 29.71 -4.18 32.01
C LEU A 473 28.69 -3.78 33.08
N GLU A 474 27.93 -2.74 32.78
CA GLU A 474 26.85 -2.30 33.67
C GLU A 474 25.58 -2.66 32.91
N ASP A 475 25.77 -3.10 31.66
CA ASP A 475 24.68 -3.51 30.77
C ASP A 475 23.89 -2.31 30.24
N LYS A 476 24.61 -1.20 30.04
CA LYS A 476 24.03 0.04 29.52
C LYS A 476 24.22 0.02 28.02
N ILE A 477 23.13 0.16 27.28
CA ILE A 477 23.21 0.13 25.81
C ILE A 477 23.25 1.53 25.23
N ARG A 478 24.11 1.72 24.22
CA ARG A 478 24.28 3.01 23.54
C ARG A 478 24.44 2.73 22.05
N PRO A 479 23.90 3.60 21.18
CA PRO A 479 24.01 3.38 19.74
C PRO A 479 25.29 3.96 19.11
N LEU A 480 25.85 3.23 18.15
CA LEU A 480 27.05 3.68 17.45
C LEU A 480 26.53 4.26 16.14
N SER A 481 27.32 5.07 15.47
CA SER A 481 26.87 5.70 14.23
C SER A 481 26.13 4.76 13.28
N LEU A 482 26.60 3.52 13.15
CA LEU A 482 25.94 2.57 12.27
C LEU A 482 24.54 2.31 12.78
N GLY A 483 24.40 2.24 14.09
CA GLY A 483 23.09 2.02 14.67
C GLY A 483 22.16 3.16 14.34
N ILE A 484 22.53 4.36 14.78
CA ILE A 484 21.74 5.57 14.55
C ILE A 484 21.39 5.75 13.07
N ARG A 485 22.41 5.64 12.22
CA ARG A 485 22.22 5.84 10.79
C ARG A 485 21.25 4.83 10.15
N THR A 486 21.30 3.58 10.59
CA THR A 486 20.43 2.54 10.06
C THR A 486 18.97 2.79 10.45
N ALA A 487 18.78 3.18 11.70
CA ALA A 487 17.45 3.48 12.23
C ALA A 487 16.77 4.64 11.48
N LYS A 488 17.56 5.64 11.08
CA LYS A 488 17.02 6.80 10.36
C LYS A 488 16.80 6.55 8.89
N LEU A 489 17.46 5.54 8.33
CA LEU A 489 17.28 5.19 6.93
C LEU A 489 16.08 4.25 6.78
N TYR A 490 15.56 3.76 7.90
CA TYR A 490 14.41 2.86 7.94
C TYR A 490 14.64 1.46 7.35
N ILE A 491 15.89 1.15 7.00
CA ILE A 491 16.18 -0.18 6.47
C ILE A 491 16.26 -1.19 7.60
N ASP A 492 16.13 -2.46 7.23
CA ASP A 492 16.23 -3.55 8.19
C ASP A 492 17.69 -3.61 8.61
N PRO A 493 17.98 -3.68 9.92
CA PRO A 493 19.37 -3.75 10.35
C PRO A 493 20.14 -4.79 9.51
N TYR A 494 19.47 -5.89 9.19
CA TYR A 494 20.12 -6.93 8.41
C TYR A 494 20.55 -6.47 7.00
N THR A 495 19.79 -5.57 6.38
CA THR A 495 20.19 -5.11 5.05
C THR A 495 21.36 -4.16 5.19
N ALA A 496 21.48 -3.53 6.36
CA ALA A 496 22.59 -2.63 6.63
C ALA A 496 23.79 -3.52 6.91
N LYS A 497 23.54 -4.66 7.56
CA LYS A 497 24.60 -5.60 7.88
C LYS A 497 25.14 -6.21 6.59
N MET A 498 24.25 -6.47 5.63
CA MET A 498 24.68 -7.02 4.36
C MET A 498 25.43 -5.96 3.56
N PHE A 499 25.06 -4.69 3.76
CA PHE A 499 25.71 -3.59 3.06
C PHE A 499 27.11 -3.41 3.62
N LYS A 500 27.19 -3.50 4.95
CA LYS A 500 28.43 -3.34 5.66
C LYS A 500 29.39 -4.50 5.37
N ASP A 501 28.89 -5.72 5.39
CA ASP A 501 29.76 -6.87 5.14
C ASP A 501 30.37 -6.83 3.75
N LYS A 502 29.54 -6.57 2.75
CA LYS A 502 30.02 -6.56 1.38
C LYS A 502 30.58 -5.25 0.85
N MET A 503 30.63 -4.21 1.68
CA MET A 503 31.13 -2.91 1.25
C MET A 503 32.51 -2.94 0.59
N GLU A 504 33.44 -3.71 1.15
CA GLU A 504 34.79 -3.83 0.58
C GLU A 504 34.70 -4.36 -0.85
N GLU A 505 33.83 -5.35 -1.06
CA GLU A 505 33.64 -5.91 -2.40
C GLU A 505 33.05 -4.85 -3.31
N VAL A 506 32.15 -4.04 -2.79
CA VAL A 506 31.52 -2.98 -3.57
C VAL A 506 32.55 -1.97 -4.07
N VAL A 507 33.42 -1.49 -3.18
CA VAL A 507 34.43 -0.50 -3.55
C VAL A 507 35.49 -1.09 -4.47
N LYS A 508 35.72 -2.40 -4.37
CA LYS A 508 36.71 -3.06 -5.22
C LYS A 508 36.26 -3.06 -6.66
N ASP A 509 34.95 -3.23 -6.84
CA ASP A 509 34.37 -3.25 -8.19
C ASP A 509 32.91 -2.86 -8.16
N PRO A 510 32.63 -1.55 -8.04
CA PRO A 510 31.25 -1.11 -8.01
C PRO A 510 30.62 -1.20 -9.40
N ASN A 511 29.59 -2.04 -9.53
CA ASN A 511 28.90 -2.18 -10.81
C ASN A 511 27.41 -2.41 -10.59
N PRO A 512 26.58 -2.06 -11.59
CA PRO A 512 25.11 -2.22 -11.48
C PRO A 512 24.66 -3.64 -11.06
N ILE A 513 25.08 -4.62 -11.84
CA ILE A 513 24.76 -6.03 -11.59
C ILE A 513 25.13 -6.47 -10.18
N GLY A 514 26.33 -6.11 -9.72
CA GLY A 514 26.73 -6.49 -8.39
C GLY A 514 25.86 -5.79 -7.36
N ILE A 515 25.61 -4.51 -7.58
CA ILE A 515 24.81 -3.71 -6.68
C ILE A 515 23.35 -4.13 -6.70
N PHE A 516 22.77 -4.19 -7.89
CA PHE A 516 21.38 -4.56 -8.04
C PHE A 516 21.09 -5.92 -7.45
N HIS A 517 22.07 -6.81 -7.51
CA HIS A 517 21.89 -8.15 -6.97
C HIS A 517 22.01 -8.13 -5.45
N LEU A 518 22.95 -7.37 -4.91
CA LEU A 518 23.13 -7.28 -3.47
C LEU A 518 21.88 -6.78 -2.73
N ILE A 519 21.32 -5.66 -3.18
CA ILE A 519 20.14 -5.10 -2.53
C ILE A 519 18.91 -5.98 -2.73
N SER A 520 18.82 -6.64 -3.88
CA SER A 520 17.68 -7.51 -4.17
C SER A 520 17.73 -8.76 -3.34
N LEU A 521 18.77 -8.88 -2.52
CA LEU A 521 18.94 -10.06 -1.69
C LEU A 521 18.75 -9.78 -0.21
N THR A 522 18.45 -8.54 0.12
CA THR A 522 18.23 -8.14 1.50
C THR A 522 16.75 -8.29 1.83
N PRO A 523 16.40 -8.21 3.13
CA PRO A 523 15.01 -8.33 3.57
C PRO A 523 14.06 -7.21 3.15
N ASP A 524 14.58 -6.09 2.67
CA ASP A 524 13.75 -4.94 2.29
C ASP A 524 13.29 -4.89 0.84
N ILE A 525 13.32 -6.02 0.17
CA ILE A 525 12.90 -6.06 -1.21
C ILE A 525 12.42 -7.48 -1.52
N THR A 526 11.33 -7.58 -2.26
CA THR A 526 10.81 -8.90 -2.63
C THR A 526 11.16 -9.10 -4.08
N PRO A 527 12.18 -9.92 -4.33
CA PRO A 527 12.72 -10.27 -5.65
C PRO A 527 11.66 -10.83 -6.58
N PHE A 528 11.82 -10.58 -7.87
CA PHE A 528 10.91 -11.11 -8.87
C PHE A 528 11.02 -12.62 -8.84
N ASN A 529 9.97 -13.31 -9.28
CA ASN A 529 9.99 -14.76 -9.31
C ASN A 529 10.41 -15.25 -10.68
N TYR A 530 10.94 -16.46 -10.73
CA TYR A 530 11.33 -17.08 -11.99
C TYR A 530 10.64 -18.45 -12.07
N SER A 531 10.39 -18.94 -13.28
CA SER A 531 9.73 -20.23 -13.45
C SER A 531 10.73 -21.33 -13.79
N LYS A 532 10.26 -22.57 -13.73
CA LYS A 532 11.10 -23.74 -14.03
C LYS A 532 11.76 -23.56 -15.37
N ARG A 533 11.01 -22.99 -16.31
CA ARG A 533 11.50 -22.77 -17.65
C ARG A 533 12.69 -21.82 -17.66
N GLU A 534 12.45 -20.54 -17.35
CA GLU A 534 13.51 -19.55 -17.39
C GLU A 534 14.71 -19.81 -16.47
N PHE A 535 14.56 -20.65 -15.45
CA PHE A 535 15.71 -20.89 -14.58
C PHE A 535 16.85 -21.41 -15.42
N GLU A 536 16.51 -21.73 -16.66
CA GLU A 536 17.49 -22.21 -17.61
C GLU A 536 18.49 -21.08 -17.76
N ARG A 537 18.14 -20.14 -18.62
CA ARG A 537 18.99 -18.97 -18.89
C ARG A 537 19.59 -18.35 -17.62
N LEU A 538 18.76 -18.11 -16.61
CA LEU A 538 19.24 -17.52 -15.34
C LEU A 538 20.52 -18.21 -14.85
N GLU A 539 20.53 -19.53 -14.97
CA GLU A 539 21.65 -20.36 -14.56
C GLU A 539 22.90 -19.97 -15.34
N GLU A 540 22.79 -20.01 -16.66
CA GLU A 540 23.91 -19.71 -17.54
C GLU A 540 24.41 -18.29 -17.35
N GLU A 541 23.51 -17.33 -17.36
CA GLU A 541 23.87 -15.93 -17.18
C GLU A 541 24.64 -15.73 -15.88
N TYR A 542 24.14 -16.30 -14.78
CA TYR A 542 24.83 -16.16 -13.51
C TYR A 542 26.29 -16.55 -13.63
N TYR A 543 26.54 -17.82 -13.97
CA TYR A 543 27.91 -18.31 -14.12
C TYR A 543 28.72 -17.52 -15.13
N GLU A 544 28.01 -16.78 -15.97
CA GLU A 544 28.60 -15.95 -17.02
C GLU A 544 28.99 -14.56 -16.46
N PHE A 545 28.29 -14.11 -15.42
CA PHE A 545 28.53 -12.80 -14.78
C PHE A 545 29.03 -12.85 -13.32
N LYS A 546 29.09 -14.03 -12.73
CA LYS A 546 29.51 -14.16 -11.33
C LYS A 546 30.71 -13.30 -10.91
N ASP A 547 31.53 -12.90 -11.88
CA ASP A 547 32.72 -12.09 -11.60
C ASP A 547 32.32 -10.75 -11.02
N ARG A 548 31.23 -10.18 -11.57
CA ARG A 548 30.75 -8.88 -11.13
C ARG A 548 29.95 -8.88 -9.83
N LEU A 549 29.53 -10.05 -9.35
CA LEU A 549 28.77 -10.09 -8.11
C LEU A 549 29.67 -10.12 -6.89
N TYR A 550 29.10 -9.89 -5.72
CA TYR A 550 29.86 -9.87 -4.47
C TYR A 550 29.71 -11.13 -3.62
N PHE A 551 29.29 -12.23 -4.24
CA PHE A 551 29.12 -13.47 -3.48
C PHE A 551 29.84 -14.68 -4.06
N ASP A 552 30.41 -15.49 -3.18
CA ASP A 552 31.17 -16.67 -3.59
C ASP A 552 30.37 -17.70 -4.39
N ASP A 553 29.48 -18.43 -3.73
CA ASP A 553 28.70 -19.43 -4.43
C ASP A 553 27.37 -19.71 -3.74
N PRO A 554 26.26 -19.65 -4.50
CA PRO A 554 24.91 -19.88 -3.99
C PRO A 554 24.77 -21.17 -3.14
N TYR A 555 25.46 -22.22 -3.57
CA TYR A 555 25.41 -23.51 -2.89
C TYR A 555 26.61 -23.72 -1.96
N GLU A 564 19.35 -20.07 -1.82
CA GLU A 564 19.70 -20.43 -3.19
C GLU A 564 18.61 -20.03 -4.19
N ARG A 565 17.36 -20.02 -3.73
CA ARG A 565 16.25 -19.61 -4.60
C ARG A 565 16.20 -18.08 -4.57
N LYS A 566 16.34 -17.51 -3.38
CA LYS A 566 16.34 -16.05 -3.23
C LYS A 566 17.51 -15.54 -4.06
N PHE A 567 18.61 -16.28 -4.04
CA PHE A 567 19.79 -15.89 -4.79
C PHE A 567 19.47 -15.63 -6.25
N PHE A 568 18.95 -16.63 -6.95
CA PHE A 568 18.66 -16.41 -8.34
C PHE A 568 17.49 -15.48 -8.59
N ARG A 569 16.60 -15.34 -7.61
CA ARG A 569 15.50 -14.40 -7.78
C ARG A 569 16.12 -12.99 -7.70
N ALA A 570 17.12 -12.85 -6.84
CA ALA A 570 17.84 -11.60 -6.67
C ALA A 570 18.61 -11.31 -7.96
N PHE A 571 19.21 -12.35 -8.53
CA PHE A 571 19.97 -12.18 -9.76
C PHE A 571 19.06 -11.84 -10.92
N LYS A 572 17.89 -12.47 -10.97
CA LYS A 572 16.96 -12.15 -12.05
C LYS A 572 16.57 -10.69 -11.91
N THR A 573 16.31 -10.27 -10.68
CA THR A 573 15.91 -8.88 -10.43
C THR A 573 16.98 -7.89 -10.87
N ALA A 574 18.24 -8.26 -10.68
CA ALA A 574 19.35 -7.39 -11.06
C ALA A 574 19.41 -7.24 -12.58
N LEU A 575 18.94 -8.25 -13.30
CA LEU A 575 18.96 -8.19 -14.77
C LEU A 575 17.88 -7.24 -15.26
N VAL A 576 16.73 -7.25 -14.57
CA VAL A 576 15.62 -6.37 -14.92
C VAL A 576 16.08 -4.92 -14.66
N LEU A 577 16.57 -4.69 -13.46
CA LEU A 577 17.03 -3.37 -13.07
C LEU A 577 18.09 -2.83 -14.06
N LEU A 578 19.00 -3.69 -14.48
CA LEU A 578 20.03 -3.30 -15.45
C LEU A 578 19.40 -2.90 -16.77
N ALA A 579 18.42 -3.67 -17.24
CA ALA A 579 17.76 -3.34 -18.49
C ALA A 579 17.04 -2.02 -18.33
N TRP A 580 16.55 -1.78 -17.13
CA TRP A 580 15.84 -0.55 -16.77
C TRP A 580 16.77 0.65 -16.93
N ILE A 581 17.93 0.65 -16.27
CA ILE A 581 18.82 1.79 -16.40
C ILE A 581 19.40 1.90 -17.80
N ASN A 582 19.37 0.80 -18.56
CA ASN A 582 19.89 0.84 -19.92
C ASN A 582 18.82 1.24 -20.93
N GLU A 583 17.81 1.93 -20.44
CA GLU A 583 16.74 2.43 -21.29
C GLU A 583 16.11 1.42 -22.25
N VAL A 584 15.78 0.25 -21.75
CA VAL A 584 15.12 -0.75 -22.59
C VAL A 584 13.63 -0.49 -22.47
N PRO A 585 12.91 -0.56 -23.59
CA PRO A 585 11.46 -0.33 -23.59
C PRO A 585 10.75 -1.18 -22.55
N GLU A 586 9.81 -0.58 -21.85
CA GLU A 586 9.07 -1.31 -20.82
C GLU A 586 8.49 -2.58 -21.41
N GLY A 587 7.89 -2.45 -22.58
CA GLY A 587 7.30 -3.60 -23.24
C GLY A 587 8.31 -4.71 -23.38
N GLU A 588 9.49 -4.37 -23.90
CA GLU A 588 10.57 -5.34 -24.08
C GLU A 588 10.98 -6.02 -22.79
N ILE A 589 10.79 -5.32 -21.66
CA ILE A 589 11.16 -5.88 -20.37
C ILE A 589 10.07 -6.82 -19.88
N VAL A 590 8.83 -6.41 -20.06
CA VAL A 590 7.70 -7.24 -19.67
C VAL A 590 7.84 -8.59 -20.38
N GLU A 591 8.25 -8.53 -21.64
CA GLU A 591 8.43 -9.74 -22.44
C GLU A 591 9.69 -10.50 -22.04
N LYS A 592 10.83 -9.97 -22.46
CA LYS A 592 12.15 -10.56 -22.20
C LYS A 592 12.48 -10.96 -20.76
N TYR A 593 11.55 -10.78 -19.82
CA TYR A 593 11.77 -11.17 -18.42
C TYR A 593 10.54 -11.73 -17.74
N SER A 594 9.40 -11.67 -18.42
CA SER A 594 8.17 -12.17 -17.85
C SER A 594 7.78 -11.38 -16.59
N VAL A 595 7.75 -10.05 -16.71
CA VAL A 595 7.37 -9.24 -15.56
C VAL A 595 6.36 -8.18 -15.98
N GLU A 596 5.42 -7.88 -15.10
CA GLU A 596 4.40 -6.87 -15.42
C GLU A 596 4.75 -5.47 -14.89
N PRO A 597 4.44 -4.42 -15.68
CA PRO A 597 4.70 -3.01 -15.36
C PRO A 597 4.57 -2.63 -13.90
N GLY A 598 3.47 -2.99 -13.25
CA GLY A 598 3.28 -2.66 -11.86
C GLY A 598 4.38 -3.15 -10.94
N ASP A 599 5.02 -4.25 -11.30
CA ASP A 599 6.10 -4.83 -10.49
C ASP A 599 7.39 -4.07 -10.75
N ILE A 600 7.57 -3.67 -12.00
CA ILE A 600 8.73 -2.91 -12.41
C ILE A 600 8.83 -1.63 -11.58
N TYR A 601 7.74 -0.85 -11.56
CA TYR A 601 7.69 0.42 -10.81
C TYR A 601 7.95 0.22 -9.32
N ARG A 602 7.24 -0.74 -8.75
CA ARG A 602 7.35 -1.05 -7.33
C ARG A 602 8.81 -1.39 -6.99
N ILE A 603 9.42 -2.21 -7.83
CA ILE A 603 10.80 -2.64 -7.64
C ILE A 603 11.76 -1.48 -7.90
N VAL A 604 11.48 -0.67 -8.91
CA VAL A 604 12.32 0.49 -9.21
C VAL A 604 12.28 1.41 -7.98
N GLU A 605 11.06 1.73 -7.54
CA GLU A 605 10.83 2.58 -6.37
C GLU A 605 11.67 2.13 -5.17
N THR A 606 11.59 0.85 -4.84
CA THR A 606 12.34 0.30 -3.72
C THR A 606 13.85 0.29 -3.97
N ALA A 607 14.24 0.03 -5.23
CA ALA A 607 15.64 0.01 -5.61
C ALA A 607 16.32 1.35 -5.35
N GLU A 608 15.65 2.42 -5.79
CA GLU A 608 16.13 3.79 -5.64
C GLU A 608 16.41 4.02 -4.16
N TRP A 609 15.47 3.59 -3.33
CA TRP A 609 15.57 3.73 -1.89
C TRP A 609 16.73 2.95 -1.27
N LEU A 610 16.97 1.74 -1.77
CA LEU A 610 18.04 0.89 -1.23
C LEU A 610 19.44 1.30 -1.69
N VAL A 611 19.56 1.77 -2.93
CA VAL A 611 20.84 2.23 -3.44
C VAL A 611 21.20 3.52 -2.68
N TYR A 612 20.20 4.34 -2.36
CA TYR A 612 20.43 5.59 -1.61
C TYR A 612 20.97 5.22 -0.24
N SER A 613 20.29 4.29 0.42
CA SER A 613 20.68 3.84 1.75
C SER A 613 22.06 3.20 1.78
N LEU A 614 22.44 2.57 0.66
CA LEU A 614 23.75 1.93 0.54
C LEU A 614 24.83 3.03 0.50
N LYS A 615 24.51 4.10 -0.22
CA LYS A 615 25.40 5.25 -0.36
C LYS A 615 25.60 5.87 1.02
N GLU A 616 24.50 6.07 1.74
CA GLU A 616 24.54 6.66 3.05
C GLU A 616 25.33 5.82 4.03
N ILE A 617 25.17 4.50 3.95
CA ILE A 617 25.90 3.61 4.83
C ILE A 617 27.39 3.73 4.52
N ALA A 618 27.71 3.82 3.23
CA ALA A 618 29.10 3.97 2.81
C ALA A 618 29.63 5.24 3.49
N LYS A 619 28.88 6.33 3.40
CA LYS A 619 29.31 7.56 4.05
C LYS A 619 29.72 7.28 5.49
N VAL A 620 28.92 6.47 6.20
CA VAL A 620 29.20 6.13 7.60
C VAL A 620 30.38 5.17 7.80
N LEU A 621 30.80 4.47 6.76
CA LEU A 621 31.94 3.56 6.89
C LEU A 621 33.15 4.15 6.17
N GLY A 622 33.20 5.47 6.10
CA GLY A 622 34.32 6.11 5.44
C GLY A 622 34.50 5.83 3.96
N ALA A 623 33.80 4.83 3.44
CA ALA A 623 33.94 4.51 2.02
C ALA A 623 33.31 5.63 1.17
N TYR A 624 33.99 6.77 1.11
CA TYR A 624 33.49 7.92 0.36
C TYR A 624 33.79 7.94 -1.14
N GLU A 625 34.76 7.15 -1.58
CA GLU A 625 35.10 7.15 -3.01
C GLU A 625 34.02 6.66 -3.96
N ILE A 626 33.11 5.85 -3.46
CA ILE A 626 32.05 5.33 -4.31
C ILE A 626 30.74 6.06 -4.14
N VAL A 627 30.75 7.07 -3.26
CA VAL A 627 29.55 7.84 -2.99
C VAL A 627 28.98 8.53 -4.23
N ASP A 628 29.83 9.13 -5.06
CA ASP A 628 29.32 9.79 -6.26
C ASP A 628 28.69 8.74 -7.17
N TYR A 629 29.45 7.68 -7.41
CA TYR A 629 29.00 6.58 -8.24
C TYR A 629 27.61 6.11 -7.82
N LEU A 630 27.47 5.83 -6.54
CA LEU A 630 26.22 5.35 -5.98
C LEU A 630 25.09 6.37 -6.12
N GLU A 631 25.40 7.65 -5.92
CA GLU A 631 24.42 8.71 -6.07
C GLU A 631 23.94 8.75 -7.52
N THR A 632 24.89 8.63 -8.46
CA THR A 632 24.55 8.65 -9.87
C THR A 632 23.63 7.50 -10.18
N LEU A 633 24.02 6.31 -9.72
CA LEU A 633 23.25 5.08 -9.94
C LEU A 633 21.86 5.21 -9.33
N ARG A 634 21.75 5.94 -8.22
CA ARG A 634 20.46 6.12 -7.56
C ARG A 634 19.45 6.80 -8.49
N VAL A 635 19.89 7.85 -9.17
CA VAL A 635 19.00 8.56 -10.07
C VAL A 635 18.64 7.74 -11.30
N ARG A 636 19.62 7.00 -11.84
CA ARG A 636 19.38 6.15 -13.00
C ARG A 636 18.34 5.09 -12.71
N VAL A 637 18.38 4.55 -11.51
CA VAL A 637 17.42 3.53 -11.11
C VAL A 637 16.04 4.17 -10.99
N LYS A 638 16.00 5.40 -10.48
CA LYS A 638 14.76 6.12 -10.29
C LYS A 638 13.96 6.32 -11.57
N TYR A 639 14.61 6.89 -12.58
CA TYR A 639 13.95 7.18 -13.84
C TYR A 639 14.26 6.18 -14.94
N GLY A 640 15.11 5.20 -14.62
CA GLY A 640 15.49 4.19 -15.60
C GLY A 640 16.08 4.85 -16.82
N ILE A 641 17.19 5.57 -16.63
CA ILE A 641 17.81 6.30 -17.71
C ILE A 641 19.33 6.24 -17.71
N ARG A 642 19.92 6.46 -18.88
CA ARG A 642 21.37 6.47 -19.00
C ARG A 642 21.87 7.74 -18.30
N GLU A 643 23.13 7.74 -17.89
CA GLU A 643 23.66 8.90 -17.17
C GLU A 643 23.44 10.29 -17.78
N GLU A 644 23.63 10.44 -19.08
CA GLU A 644 23.46 11.75 -19.71
C GLU A 644 22.03 12.26 -19.87
N LEU A 645 21.09 11.65 -19.14
CA LEU A 645 19.69 12.09 -19.17
C LEU A 645 19.31 12.60 -17.80
N ILE A 646 20.25 12.60 -16.87
CA ILE A 646 19.92 13.05 -15.53
C ILE A 646 19.56 14.53 -15.41
N PRO A 647 20.24 15.42 -16.17
CA PRO A 647 19.89 16.84 -16.04
C PRO A 647 18.44 17.13 -16.39
N LEU A 648 17.99 16.60 -17.53
CA LEU A 648 16.64 16.76 -18.05
C LEU A 648 15.53 16.15 -17.20
N MET A 649 15.85 15.54 -16.07
CA MET A 649 14.78 14.92 -15.29
C MET A 649 14.06 15.82 -14.29
N GLN A 650 14.57 17.04 -14.11
CA GLN A 650 13.94 17.96 -13.17
C GLN A 650 12.68 18.56 -13.79
N LEU A 651 12.58 18.43 -15.11
CA LEU A 651 11.44 18.97 -15.85
C LEU A 651 10.12 18.41 -15.37
N PRO A 652 9.03 19.20 -15.48
CA PRO A 652 7.67 18.82 -15.06
C PRO A 652 7.41 17.34 -15.23
N LEU A 653 7.59 16.87 -16.47
CA LEU A 653 7.39 15.47 -16.79
C LEU A 653 8.41 15.11 -17.86
N VAL A 654 8.65 13.81 -18.01
CA VAL A 654 9.60 13.37 -19.02
C VAL A 654 9.70 11.86 -19.01
N GLY A 655 10.26 11.33 -17.93
CA GLY A 655 10.43 9.90 -17.86
C GLY A 655 11.47 9.52 -18.89
N ARG A 656 11.89 8.26 -18.83
CA ARG A 656 12.91 7.76 -19.75
C ARG A 656 12.56 7.96 -21.22
N ARG A 657 11.28 7.86 -21.55
CA ARG A 657 10.80 8.00 -22.93
C ARG A 657 11.15 9.32 -23.58
N ARG A 658 10.50 10.37 -23.10
CA ARG A 658 10.67 11.72 -23.60
C ARG A 658 12.12 12.19 -23.48
N ALA A 659 12.64 12.15 -22.25
CA ALA A 659 14.00 12.56 -21.99
C ALA A 659 14.95 12.07 -23.07
N ARG A 660 14.83 10.81 -23.49
CA ARG A 660 15.72 10.26 -24.51
C ARG A 660 15.48 10.90 -25.86
N ALA A 661 14.20 11.00 -26.23
CA ALA A 661 13.82 11.59 -27.50
C ALA A 661 14.41 13.00 -27.59
N LEU A 662 14.37 13.74 -26.48
CA LEU A 662 14.92 15.11 -26.44
C LEU A 662 16.44 15.17 -26.63
N TYR A 663 17.17 14.52 -25.72
CA TYR A 663 18.64 14.49 -25.77
C TYR A 663 19.16 14.13 -27.16
N ASN A 664 18.55 13.11 -27.77
CA ASN A 664 18.98 12.66 -29.08
C ASN A 664 18.60 13.60 -30.22
N SER A 665 17.32 13.96 -30.26
CA SER A 665 16.82 14.83 -31.33
C SER A 665 17.12 16.30 -31.06
N GLY A 666 18.05 16.57 -30.14
CA GLY A 666 18.39 17.96 -29.84
C GLY A 666 18.88 18.19 -28.42
N PHE A 667 18.14 19.04 -27.70
CA PHE A 667 18.44 19.42 -26.32
C PHE A 667 19.22 18.42 -25.43
N ARG A 668 19.89 18.95 -24.42
CA ARG A 668 20.67 18.16 -23.48
C ARG A 668 20.68 18.83 -22.11
N SER A 669 20.25 20.09 -22.06
CA SER A 669 20.20 20.82 -20.80
C SER A 669 18.83 21.45 -20.58
N ILE A 670 18.63 21.97 -19.37
CA ILE A 670 17.37 22.62 -19.03
C ILE A 670 17.37 24.02 -19.64
N GLU A 671 18.57 24.62 -19.77
CA GLU A 671 18.71 25.94 -20.39
C GLU A 671 18.43 25.76 -21.88
N ASP A 672 18.76 24.57 -22.41
CA ASP A 672 18.54 24.28 -23.82
C ASP A 672 17.08 24.23 -24.20
N ILE A 673 16.23 23.84 -23.25
CA ILE A 673 14.80 23.77 -23.49
C ILE A 673 14.23 25.16 -23.16
N SER A 674 14.94 25.88 -22.30
CA SER A 674 14.54 27.23 -21.91
C SER A 674 14.60 28.13 -23.16
N GLN A 675 15.19 27.64 -24.24
CA GLN A 675 15.27 28.42 -25.48
C GLN A 675 15.13 27.64 -26.79
N ALA A 676 14.04 26.87 -26.89
CA ALA A 676 13.75 26.09 -28.09
C ALA A 676 12.37 26.52 -28.58
N ARG A 677 12.18 26.56 -29.90
CA ARG A 677 10.87 26.94 -30.45
C ARG A 677 9.89 25.84 -30.08
N PRO A 678 8.83 26.18 -29.31
CA PRO A 678 7.88 25.11 -28.96
C PRO A 678 7.46 24.30 -30.18
N GLU A 679 7.68 24.89 -31.35
CA GLU A 679 7.38 24.23 -32.61
C GLU A 679 8.32 23.01 -32.68
N GLU A 680 9.55 23.21 -32.19
CA GLU A 680 10.58 22.19 -32.18
C GLU A 680 10.46 21.12 -31.07
N LEU A 681 9.42 21.20 -30.24
CA LEU A 681 9.24 20.20 -29.19
C LEU A 681 8.15 19.23 -29.65
N LEU A 682 6.95 19.76 -29.89
CA LEU A 682 5.84 18.92 -30.35
C LEU A 682 6.30 18.18 -31.61
N LYS A 683 7.44 18.61 -32.15
CA LYS A 683 7.99 17.96 -33.32
C LYS A 683 8.53 16.58 -32.94
N ILE A 684 8.19 16.10 -31.73
CA ILE A 684 8.64 14.78 -31.26
C ILE A 684 8.18 14.40 -29.86
N GLU A 685 8.21 15.37 -28.94
CA GLU A 685 7.81 15.13 -27.55
C GLU A 685 6.37 14.69 -27.50
N VAL A 692 4.66 19.62 -22.97
CA VAL A 692 5.26 20.94 -23.17
C VAL A 692 4.56 21.98 -22.31
N GLU A 693 3.25 22.06 -22.43
CA GLU A 693 2.47 23.01 -21.65
C GLU A 693 3.02 23.06 -20.22
N ALA A 694 3.18 21.89 -19.62
CA ALA A 694 3.70 21.79 -18.25
C ALA A 694 5.08 22.43 -18.18
N ILE A 695 5.92 22.07 -19.16
CA ILE A 695 7.30 22.57 -19.26
C ILE A 695 7.33 24.10 -19.28
N PHE A 696 6.67 24.68 -20.29
CA PHE A 696 6.60 26.13 -20.39
C PHE A 696 6.02 26.63 -19.06
N LYS A 697 5.13 25.84 -18.48
CA LYS A 697 4.51 26.21 -17.19
C LYS A 697 5.54 26.12 -16.06
N PHE A 698 6.47 25.19 -16.18
CA PHE A 698 7.52 25.00 -15.18
C PHE A 698 8.51 26.18 -15.24
N LEU A 699 8.75 26.69 -16.45
CA LEU A 699 9.66 27.81 -16.66
C LEU A 699 8.92 29.13 -16.45
S SO4 B . -12.01 -23.61 -9.79
O1 SO4 B . -10.85 -22.71 -10.48
O2 SO4 B . -11.37 -24.25 -8.66
O3 SO4 B . -13.07 -22.91 -9.51
O4 SO4 B . -12.22 -24.62 -10.80
S SO4 C . -0.54 -15.57 -10.84
O1 SO4 C . -0.64 -17.05 -10.84
O2 SO4 C . -1.33 -15.01 -11.96
O3 SO4 C . -1.05 -15.02 -9.56
O4 SO4 C . 0.89 -15.19 -11.01
S SO4 D . 15.94 13.29 -7.49
O1 SO4 D . 17.35 13.60 -7.81
O2 SO4 D . 15.86 12.60 -6.17
O3 SO4 D . 15.14 14.55 -7.40
O4 SO4 D . 15.39 12.44 -8.56
S SO4 E . 17.92 14.03 10.43
O1 SO4 E . 18.06 12.82 9.58
O2 SO4 E . 19.12 14.14 11.30
O3 SO4 E . 17.80 15.22 9.57
O4 SO4 E . 16.73 13.91 11.30
S SO4 F . -1.89 -8.78 -6.61
O1 SO4 F . -0.84 -8.39 -5.62
O2 SO4 F . -2.64 -9.93 -6.10
O3 SO4 F . -2.82 -7.64 -6.78
O4 SO4 F . -1.27 -9.12 -7.91
PB ADP G . -15.60 5.12 4.42
O1B ADP G . -16.31 3.85 4.94
O2B ADP G . -14.42 5.52 5.28
O3B ADP G . -15.25 5.03 2.87
PA ADP G . -16.75 7.74 3.81
O1A ADP G . -15.49 8.42 4.19
O2A ADP G . -18.02 8.37 4.19
O3A ADP G . -16.69 6.24 4.46
O5' ADP G . -16.70 7.47 2.22
C5' ADP G . -17.81 6.79 1.56
C4' ADP G . -18.95 7.66 1.01
O4' ADP G . -20.15 7.33 1.81
C3' ADP G . -18.97 9.18 1.10
O3' ADP G . -18.23 9.75 -0.01
C2' ADP G . -20.54 9.46 0.85
O2' ADP G . -20.96 9.24 -0.55
C1' ADP G . -21.19 8.33 1.71
N9 ADP G . -21.70 8.78 3.12
C8 ADP G . -21.16 8.51 4.30
N7 ADP G . -21.82 9.03 5.27
C5 ADP G . -22.90 9.69 4.70
C6 ADP G . -24.04 10.44 5.20
N6 ADP G . -24.27 10.66 6.52
N1 ADP G . -24.93 10.95 4.29
C2 ADP G . -24.73 10.75 2.99
N3 ADP G . -23.71 10.06 2.43
C4 ADP G . -22.83 9.56 3.34
#